data_9EMF
#
_entry.id   9EMF
#
_cell.length_a   111.091
_cell.length_b   148.602
_cell.length_c   66.639
_cell.angle_alpha   90.000
_cell.angle_beta   90.000
_cell.angle_gamma   90.000
#
_symmetry.space_group_name_H-M   'P 21 21 2'
#
loop_
_entity.id
_entity.type
_entity.pdbx_description
1 polymer 'DNA polymerase'
2 polymer "DNA (5'-D(*GP*AP*CP*CP*AP*CP*GP*GP*CP*CP*AP*CP*A)-3')"
3 polymer "DNA (5'-D(P*AP*CP*(6HT)P*GP*TP*GP*GP*CP*CP*GP*TP*GP*GP*TP*C)-3')"
4 non-polymer 'MAGNESIUM ION'
5 non-polymer 'SODIUM ION'
6 non-polymer GLYCEROL
7 non-polymer '(2S)-2-hydroxy-3-(morpholin-4-yl)propane-1-sulfonic acid'
8 water water
#
loop_
_entity_poly.entity_id
_entity_poly.type
_entity_poly.pdbx_seq_one_letter_code
_entity_poly.pdbx_strand_id
1 'polypeptide(L)'
;MILDTDYITEDGKPVIRIFKKENGEFKIEYDRTFEPYFYALLKDDSAIEEVKKITAERHGTVVTVKRVEKVQKKFLGRPV
EVWKLYFTHPQDQPAIRDKIREHPAVIDIYEYDTPFAKRYLIDKGLVPMEGDEELKMLAFAIATLYHEGEEFAEGPILMI
SYADEEGARVITWKNVDLPYVDVVSTEREMIKRFLRVVKEKDPDVLITYNGDNFDFAYLKKRCEKLGINFALGRDGSEPK
IQRMGDRFAVEVKGRIHFDLYPVIRRTINLPTYTLEAVYEAVFGQPKEKVYAEEITTAWETGENLERVARYSMEDAKVTY
ELGKEFLPMEAQLSRLIGQSLWDVSRSSTGNLVEWFLLRKAYERNELAPNKPDEKELARRRQKYEGGYVKEPERGLWENI
VYLDFRSLYPSIIITHNVSPDTLNREGCGEYDVAPQVGHRFCKDLPGFIPSLLGDLLEERQKIKKKMKATIDPIERKLLD
YRQRLIKILANSVYGHMGFENARWYCKECAESVTAWGREYLTMTIKEIEEKYGFKVIYSDTDGFFATIPGADAETVKKKA
MEFLKYINAKLPGALELEYEGFYKRGFFVTKKKYAVIDEEGKITTRGLEIVRRDWSEIAKETQARVLEALLKDGDVEKAV
RIVKEVTEKLSKYEVPPEKLVIHKQITRDLKDYKATGPHVAVAKRLAARGVKIRPGTVISYIVLKGSGRIGDRAIPFDEF
DPTKHRYDAEYYIEKQVLPAVERILRAFGYRKEDLRYQKTRQVGLSAWLKPKGT
;
A
2 'polydeoxyribonucleotide' (DG)(DA)(DC)(DC)(DA)(DC)(DG)(DG)(DC)(DC)(DA)(DC)(DA) P
3 'polydeoxyribonucleotide' (DA)(DA)(DC)(6HT)(DG)(DT)(DG)(DG)(DC)(DC)(DG)(DT)(DG)(DG)(DT)(DC) T
#
loop_
_chem_comp.id
_chem_comp.type
_chem_comp.name
_chem_comp.formula
6BX non-polymer '(2S)-2-hydroxy-3-(morpholin-4-yl)propane-1-sulfonic acid' 'C7 H15 N O5 S'
6HT DNA linking 1',5'-ANHYDRO-2',3'-DIDEOXY-2'-(THYMIN-1-YL)-6'-O-PHOSPHORYL-D-ARABINO-HEXITOL 'C11 H17 N2 O8 P'
DA DNA linking 2'-DEOXYADENOSINE-5'-MONOPHOSPHATE 'C10 H14 N5 O6 P'
DC DNA linking 2'-DEOXYCYTIDINE-5'-MONOPHOSPHATE 'C9 H14 N3 O7 P'
DG DNA linking 2'-DEOXYGUANOSINE-5'-MONOPHOSPHATE 'C10 H14 N5 O7 P'
DT DNA linking THYMIDINE-5'-MONOPHOSPHATE 'C10 H15 N2 O8 P'
GOL non-polymer GLYCEROL 'C3 H8 O3'
MG non-polymer 'MAGNESIUM ION' 'Mg 2'
NA non-polymer 'SODIUM ION' 'Na 1'
#
# COMPACT_ATOMS: atom_id res chain seq x y z
N MET A 1 -13.19 -18.21 -13.82
CA MET A 1 -12.46 -17.44 -12.80
C MET A 1 -13.41 -16.78 -11.82
N ILE A 2 -13.20 -17.06 -10.53
CA ILE A 2 -13.98 -16.41 -9.48
C ILE A 2 -13.61 -14.93 -9.42
N LEU A 3 -14.61 -14.06 -9.36
CA LEU A 3 -14.41 -12.62 -9.24
C LEU A 3 -14.72 -12.09 -7.86
N ASP A 4 -15.82 -12.53 -7.24
CA ASP A 4 -16.21 -12.06 -5.93
C ASP A 4 -17.23 -13.03 -5.34
N THR A 5 -17.55 -12.83 -4.06
CA THR A 5 -18.61 -13.54 -3.37
C THR A 5 -19.38 -12.57 -2.50
N ASP A 6 -20.67 -12.86 -2.31
CA ASP A 6 -21.50 -12.17 -1.33
C ASP A 6 -22.58 -13.15 -0.88
N TYR A 7 -23.61 -12.63 -0.23
CA TYR A 7 -24.71 -13.50 0.20
C TYR A 7 -26.01 -12.73 0.20
N ILE A 8 -27.09 -13.43 -0.16
CA ILE A 8 -28.44 -12.89 -0.17
C ILE A 8 -29.32 -13.80 0.67
N THR A 9 -30.24 -13.21 1.42
CA THR A 9 -31.17 -13.98 2.23
C THR A 9 -32.37 -14.40 1.40
N GLU A 10 -32.91 -15.57 1.70
CA GLU A 10 -34.07 -16.10 1.00
C GLU A 10 -34.84 -16.97 1.99
N ASP A 11 -36.05 -16.53 2.34
CA ASP A 11 -36.88 -17.19 3.34
C ASP A 11 -36.15 -17.34 4.67
N GLY A 12 -35.27 -16.38 5.00
CA GLY A 12 -34.52 -16.38 6.22
C GLY A 12 -33.16 -17.05 6.14
N LYS A 13 -33.00 -18.00 5.23
CA LYS A 13 -31.72 -18.70 5.15
C LYS A 13 -30.74 -17.92 4.28
N PRO A 14 -29.46 -17.92 4.64
CA PRO A 14 -28.46 -17.27 3.80
C PRO A 14 -28.12 -18.08 2.57
N VAL A 15 -27.83 -17.37 1.48
CA VAL A 15 -27.47 -17.99 0.20
C VAL A 15 -26.22 -17.29 -0.32
N ILE A 16 -25.12 -18.04 -0.42
CA ILE A 16 -23.87 -17.50 -0.93
C ILE A 16 -23.93 -17.43 -2.44
N ARG A 17 -23.50 -16.31 -3.01
CA ARG A 17 -23.40 -16.12 -4.45
C ARG A 17 -21.94 -15.97 -4.83
N ILE A 18 -21.51 -16.76 -5.81
CA ILE A 18 -20.12 -16.73 -6.30
C ILE A 18 -20.15 -16.15 -7.70
N PHE A 19 -19.72 -14.90 -7.85
CA PHE A 19 -19.69 -14.24 -9.15
C PHE A 19 -18.44 -14.71 -9.89
N LYS A 20 -18.61 -15.53 -10.92
CA LYS A 20 -17.50 -16.07 -11.68
C LYS A 20 -17.56 -15.61 -13.12
N LYS A 21 -16.47 -15.88 -13.85
CA LYS A 21 -16.38 -15.66 -15.28
C LYS A 21 -15.69 -16.88 -15.89
N GLU A 22 -16.47 -17.81 -16.43
CA GLU A 22 -15.96 -19.06 -16.96
C GLU A 22 -16.26 -19.15 -18.44
N ASN A 23 -15.23 -19.48 -19.23
CA ASN A 23 -15.33 -19.61 -20.68
C ASN A 23 -15.85 -18.33 -21.33
N GLY A 24 -15.49 -17.19 -20.77
CA GLY A 24 -15.91 -15.91 -21.31
C GLY A 24 -17.35 -15.55 -21.01
N GLU A 25 -17.97 -16.20 -20.02
CA GLU A 25 -19.37 -15.96 -19.68
C GLU A 25 -19.50 -15.70 -18.20
N PHE A 26 -20.20 -14.62 -17.85
CA PHE A 26 -20.44 -14.29 -16.45
C PHE A 26 -21.45 -15.27 -15.86
N LYS A 27 -21.07 -15.90 -14.74
CA LYS A 27 -21.89 -16.92 -14.10
C LYS A 27 -22.03 -16.61 -12.62
N ILE A 28 -23.13 -17.10 -12.03
CA ILE A 28 -23.43 -16.90 -10.62
C ILE A 28 -23.77 -18.25 -10.01
N GLU A 29 -22.90 -18.75 -9.13
CA GLU A 29 -23.15 -19.98 -8.39
C GLU A 29 -23.87 -19.67 -7.08
N TYR A 30 -24.89 -20.46 -6.78
CA TYR A 30 -25.70 -20.28 -5.58
C TYR A 30 -25.51 -21.47 -4.66
N ASP A 31 -25.13 -21.19 -3.41
CA ASP A 31 -24.93 -22.22 -2.41
C ASP A 31 -25.80 -21.91 -1.20
N ARG A 32 -26.67 -22.86 -0.84
CA ARG A 32 -27.52 -22.73 0.33
C ARG A 32 -27.12 -23.71 1.43
N THR A 33 -25.90 -24.23 1.38
CA THR A 33 -25.42 -25.19 2.36
C THR A 33 -24.59 -24.55 3.47
N PHE A 34 -23.84 -23.50 3.17
CA PHE A 34 -22.95 -22.91 4.15
C PHE A 34 -23.74 -22.32 5.32
N GLU A 35 -23.28 -22.61 6.54
CA GLU A 35 -23.92 -22.13 7.76
C GLU A 35 -22.96 -21.25 8.55
N PRO A 36 -23.45 -20.16 9.14
CA PRO A 36 -22.57 -19.31 9.96
C PRO A 36 -22.26 -19.96 11.29
N TYR A 37 -21.07 -19.64 11.82
CA TYR A 37 -20.60 -20.26 13.05
C TYR A 37 -19.50 -19.41 13.68
N PHE A 38 -19.26 -19.68 14.97
CA PHE A 38 -18.02 -19.30 15.62
C PHE A 38 -17.75 -20.29 16.74
N TYR A 39 -16.52 -20.28 17.24
CA TYR A 39 -16.07 -21.22 18.25
C TYR A 39 -16.16 -20.61 19.65
N ALA A 40 -16.36 -21.46 20.64
CA ALA A 40 -16.47 -21.04 22.03
C ALA A 40 -15.80 -22.05 22.94
N LEU A 41 -15.11 -21.56 23.97
CA LEU A 41 -14.37 -22.39 24.90
C LEU A 41 -15.05 -22.35 26.27
N LEU A 42 -15.36 -23.52 26.80
CA LEU A 42 -16.10 -23.65 28.05
C LEU A 42 -15.22 -24.23 29.15
N LYS A 43 -15.51 -23.83 30.39
CA LYS A 43 -14.88 -24.47 31.54
C LYS A 43 -15.26 -25.94 31.63
N ASP A 44 -16.53 -26.23 31.34
CA ASP A 44 -17.05 -27.58 31.41
C ASP A 44 -17.90 -27.80 30.16
N ASP A 45 -17.66 -28.92 29.47
CA ASP A 45 -18.51 -29.26 28.34
C ASP A 45 -19.97 -29.40 28.75
N SER A 46 -20.25 -29.58 30.04
CA SER A 46 -21.62 -29.70 30.53
C SER A 46 -22.45 -28.48 30.13
N ALA A 47 -21.95 -27.28 30.42
CA ALA A 47 -22.68 -26.04 30.17
C ALA A 47 -23.11 -25.87 28.72
N ILE A 48 -22.67 -26.75 27.80
CA ILE A 48 -23.05 -26.61 26.40
C ILE A 48 -24.57 -26.54 26.25
N GLU A 49 -25.29 -27.30 27.06
CA GLU A 49 -26.75 -27.27 27.00
C GLU A 49 -27.28 -25.91 27.43
N GLU A 50 -26.72 -25.34 28.50
CA GLU A 50 -27.08 -23.98 28.88
C GLU A 50 -26.66 -22.98 27.81
N VAL A 51 -25.57 -23.27 27.10
CA VAL A 51 -25.15 -22.42 25.99
C VAL A 51 -26.11 -22.57 24.81
N LYS A 52 -26.72 -23.75 24.65
CA LYS A 52 -27.72 -23.91 23.60
C LYS A 52 -28.96 -23.05 23.87
N LYS A 53 -29.27 -22.80 25.15
CA LYS A 53 -30.46 -22.03 25.52
C LYS A 53 -30.06 -20.58 25.79
N ILE A 54 -29.62 -19.92 24.74
CA ILE A 54 -29.27 -18.50 24.79
C ILE A 54 -30.19 -17.75 23.82
N THR A 55 -30.52 -16.51 24.20
CA THR A 55 -31.45 -15.69 23.44
C THR A 55 -30.82 -14.34 23.13
N ALA A 56 -31.48 -13.61 22.21
CA ALA A 56 -31.17 -12.22 21.91
C ALA A 56 -32.26 -11.67 20.98
N GLU A 57 -31.97 -10.60 20.24
CA GLU A 57 -33.01 -9.93 19.46
C GLU A 57 -32.42 -9.29 18.22
N ARG A 58 -33.12 -9.43 17.09
CA ARG A 58 -32.74 -8.81 15.84
C ARG A 58 -33.96 -8.72 14.93
N HIS A 59 -34.25 -7.52 14.44
CA HIS A 59 -35.40 -7.27 13.57
C HIS A 59 -36.70 -7.74 14.21
N GLY A 60 -36.80 -7.58 15.53
CA GLY A 60 -37.99 -8.01 16.24
C GLY A 60 -38.14 -9.51 16.36
N THR A 61 -37.15 -10.27 15.90
CA THR A 61 -37.19 -11.72 15.93
C THR A 61 -36.05 -12.24 16.80
N VAL A 62 -36.38 -13.14 17.74
CA VAL A 62 -35.37 -13.68 18.64
C VAL A 62 -34.39 -14.54 17.85
N VAL A 63 -33.12 -14.48 18.24
CA VAL A 63 -32.06 -15.24 17.58
C VAL A 63 -31.55 -16.29 18.56
N THR A 64 -31.48 -17.52 18.10
CA THR A 64 -31.07 -18.65 18.92
C THR A 64 -29.96 -19.43 18.23
N VAL A 65 -29.22 -20.18 19.03
CA VAL A 65 -28.16 -21.04 18.51
C VAL A 65 -28.80 -22.25 17.85
N LYS A 66 -28.44 -22.50 16.59
CA LYS A 66 -29.02 -23.62 15.85
C LYS A 66 -28.56 -24.95 16.41
N ARG A 67 -27.26 -25.25 16.28
CA ARG A 67 -26.72 -26.51 16.77
C ARG A 67 -25.30 -26.28 17.24
N VAL A 68 -24.78 -27.26 17.99
CA VAL A 68 -23.41 -27.25 18.45
C VAL A 68 -22.73 -28.53 17.98
N GLU A 69 -21.42 -28.44 17.78
CA GLU A 69 -20.60 -29.57 17.36
C GLU A 69 -19.29 -29.53 18.11
N LYS A 70 -18.91 -30.65 18.73
CA LYS A 70 -17.63 -30.75 19.41
C LYS A 70 -16.54 -31.00 18.38
N VAL A 71 -15.58 -30.08 18.29
CA VAL A 71 -14.49 -30.16 17.34
C VAL A 71 -13.19 -30.01 18.11
N GLN A 72 -12.18 -30.78 17.71
CA GLN A 72 -10.85 -30.73 18.31
C GLN A 72 -9.94 -29.97 17.36
N LYS A 73 -9.32 -28.91 17.87
CA LYS A 73 -8.42 -28.09 17.08
C LYS A 73 -7.19 -27.78 17.92
N LYS A 74 -6.17 -27.22 17.28
CA LYS A 74 -4.93 -26.87 17.94
C LYS A 74 -4.89 -25.35 18.13
N PHE A 75 -4.81 -24.91 19.38
CA PHE A 75 -4.66 -23.51 19.72
C PHE A 75 -3.23 -23.29 20.20
N LEU A 76 -2.51 -22.38 19.53
CA LEU A 76 -1.11 -22.09 19.83
C LEU A 76 -0.25 -23.35 19.67
N GLY A 77 -0.58 -24.17 18.67
CA GLY A 77 0.08 -25.43 18.44
C GLY A 77 -0.21 -26.50 19.48
N ARG A 78 -1.10 -26.22 20.45
CA ARG A 78 -1.42 -27.15 21.52
C ARG A 78 -2.83 -27.70 21.36
N PRO A 79 -3.07 -28.96 21.70
CA PRO A 79 -4.40 -29.54 21.52
C PRO A 79 -5.41 -28.93 22.47
N VAL A 80 -6.64 -28.79 21.98
CA VAL A 80 -7.73 -28.25 22.78
C VAL A 80 -9.03 -28.72 22.16
N GLU A 81 -10.03 -28.92 23.01
CA GLU A 81 -11.39 -29.19 22.55
C GLU A 81 -12.20 -27.90 22.64
N VAL A 82 -13.09 -27.70 21.67
CA VAL A 82 -13.83 -26.45 21.52
C VAL A 82 -15.20 -26.78 20.94
N TRP A 83 -16.21 -26.03 21.39
CA TRP A 83 -17.57 -26.15 20.87
C TRP A 83 -17.75 -25.21 19.69
N LYS A 84 -18.31 -25.74 18.60
CA LYS A 84 -18.60 -24.98 17.40
C LYS A 84 -20.07 -24.59 17.45
N LEU A 85 -20.34 -23.29 17.59
CA LEU A 85 -21.69 -22.76 17.73
C LEU A 85 -22.21 -22.33 16.36
N TYR A 86 -23.27 -22.98 15.90
CA TYR A 86 -23.89 -22.68 14.62
C TYR A 86 -25.09 -21.76 14.81
N PHE A 87 -25.40 -21.01 13.75
CA PHE A 87 -26.49 -20.05 13.78
C PHE A 87 -27.26 -20.10 12.47
N THR A 88 -28.48 -19.59 12.50
CA THR A 88 -29.36 -19.69 11.35
C THR A 88 -29.04 -18.65 10.29
N HIS A 89 -28.70 -17.43 10.70
CA HIS A 89 -28.39 -16.35 9.77
C HIS A 89 -27.07 -15.72 10.14
N PRO A 90 -26.29 -15.27 9.15
CA PRO A 90 -25.02 -14.60 9.46
C PRO A 90 -25.16 -13.43 10.42
N GLN A 91 -26.12 -12.54 10.17
CA GLN A 91 -26.32 -11.37 11.02
C GLN A 91 -26.77 -11.73 12.42
N ASP A 92 -27.10 -12.99 12.69
CA ASP A 92 -27.45 -13.37 14.06
C ASP A 92 -26.24 -13.35 14.98
N GLN A 93 -25.05 -13.65 14.45
CA GLN A 93 -23.87 -13.76 15.29
C GLN A 93 -23.19 -12.43 15.60
N PRO A 94 -23.37 -11.35 14.83
CA PRO A 94 -22.99 -10.03 15.37
C PRO A 94 -23.80 -9.64 16.59
N ALA A 95 -24.98 -10.23 16.79
CA ALA A 95 -25.65 -10.25 18.07
C ALA A 95 -25.33 -11.58 18.76
N ILE A 96 -25.89 -11.76 19.96
CA ILE A 96 -25.67 -12.97 20.77
C ILE A 96 -24.21 -13.09 21.21
N ARG A 97 -23.26 -12.77 20.30
CA ARG A 97 -21.85 -13.07 20.55
C ARG A 97 -21.34 -12.40 21.81
N ASP A 98 -21.66 -11.12 22.01
CA ASP A 98 -21.29 -10.44 23.24
C ASP A 98 -22.00 -11.09 24.43
N LYS A 99 -23.26 -11.49 24.24
CA LYS A 99 -23.99 -12.16 25.31
C LYS A 99 -23.35 -13.49 25.67
N ILE A 100 -22.96 -14.27 24.66
CA ILE A 100 -22.27 -15.53 24.93
C ILE A 100 -20.93 -15.26 25.61
N ARG A 101 -20.19 -14.27 25.10
CA ARG A 101 -18.88 -13.94 25.67
C ARG A 101 -18.98 -13.61 27.15
N GLU A 102 -20.07 -12.96 27.56
CA GLU A 102 -20.26 -12.58 28.95
C GLU A 102 -20.83 -13.70 29.80
N HIS A 103 -21.15 -14.84 29.21
CA HIS A 103 -21.68 -15.96 29.96
C HIS A 103 -20.67 -16.41 31.03
N PRO A 104 -21.14 -16.90 32.17
CA PRO A 104 -20.18 -17.29 33.22
C PRO A 104 -19.30 -18.46 32.84
N ALA A 105 -19.84 -19.48 32.17
CA ALA A 105 -19.12 -20.71 31.90
C ALA A 105 -18.34 -20.70 30.59
N VAL A 106 -18.14 -19.53 30.00
CA VAL A 106 -17.37 -19.42 28.76
C VAL A 106 -16.04 -18.75 29.08
N ILE A 107 -15.01 -19.14 28.34
CA ILE A 107 -13.69 -18.54 28.48
C ILE A 107 -13.54 -17.43 27.46
N ASP A 108 -13.75 -17.77 26.19
CA ASP A 108 -13.66 -16.79 25.11
C ASP A 108 -14.27 -17.40 23.86
N ILE A 109 -14.64 -16.53 22.93
CA ILE A 109 -15.17 -16.94 21.63
C ILE A 109 -14.17 -16.55 20.56
N TYR A 110 -14.16 -17.31 19.46
CA TYR A 110 -13.14 -17.17 18.44
C TYR A 110 -13.77 -17.16 17.05
N GLU A 111 -13.13 -16.43 16.14
CA GLU A 111 -13.56 -16.34 14.74
C GLU A 111 -15.00 -15.87 14.63
N TYR A 112 -15.37 -14.93 15.50
CA TYR A 112 -16.73 -14.40 15.53
C TYR A 112 -16.93 -13.31 14.48
N ASP A 113 -16.00 -12.37 14.40
CA ASP A 113 -16.13 -11.20 13.53
C ASP A 113 -15.60 -11.47 12.13
N THR A 114 -15.99 -12.61 11.55
CA THR A 114 -15.52 -12.99 10.23
C THR A 114 -16.64 -12.82 9.22
N PRO A 115 -16.43 -12.07 8.14
CA PRO A 115 -17.47 -11.93 7.11
C PRO A 115 -17.88 -13.27 6.54
N PHE A 116 -19.19 -13.40 6.27
CA PHE A 116 -19.73 -14.69 5.82
C PHE A 116 -19.17 -15.09 4.47
N ALA A 117 -19.09 -14.15 3.53
CA ALA A 117 -18.57 -14.46 2.20
C ALA A 117 -17.06 -14.72 2.25
N LYS A 118 -16.34 -13.97 3.10
CA LYS A 118 -14.93 -14.27 3.32
C LYS A 118 -14.74 -15.66 3.91
N ARG A 119 -15.54 -15.98 4.94
CA ARG A 119 -15.48 -17.31 5.55
C ARG A 119 -15.75 -18.40 4.51
N TYR A 120 -16.63 -18.12 3.54
CA TYR A 120 -16.89 -19.08 2.49
C TYR A 120 -15.65 -19.30 1.62
N LEU A 121 -15.05 -18.22 1.14
CA LEU A 121 -13.84 -18.33 0.32
C LEU A 121 -12.76 -19.14 1.03
N ILE A 122 -12.63 -18.97 2.34
CA ILE A 122 -11.62 -19.67 3.13
C ILE A 122 -12.05 -21.11 3.34
N ASP A 123 -13.16 -21.31 4.05
CA ASP A 123 -13.59 -22.66 4.43
C ASP A 123 -13.84 -23.55 3.22
N LYS A 124 -14.17 -22.97 2.07
CA LYS A 124 -14.36 -23.76 0.85
C LYS A 124 -13.09 -23.87 0.01
N GLY A 125 -11.98 -23.29 0.45
CA GLY A 125 -10.75 -23.35 -0.33
C GLY A 125 -10.87 -22.77 -1.72
N LEU A 126 -11.54 -21.63 -1.85
CA LEU A 126 -11.74 -20.98 -3.14
C LEU A 126 -10.82 -19.78 -3.27
N VAL A 127 -10.23 -19.62 -4.45
CA VAL A 127 -9.22 -18.61 -4.70
C VAL A 127 -9.71 -17.71 -5.83
N PRO A 128 -9.87 -16.41 -5.61
CA PRO A 128 -10.26 -15.51 -6.69
C PRO A 128 -9.14 -15.32 -7.71
N MET A 129 -9.53 -14.84 -8.89
CA MET A 129 -8.60 -14.44 -9.95
C MET A 129 -7.66 -15.56 -10.37
N GLU A 130 -8.13 -16.81 -10.32
CA GLU A 130 -7.31 -17.96 -10.70
C GLU A 130 -7.76 -18.46 -12.06
N GLY A 131 -6.90 -18.31 -13.05
CA GLY A 131 -7.20 -18.75 -14.41
C GLY A 131 -6.64 -17.82 -15.45
N ASP A 132 -6.65 -18.27 -16.70
CA ASP A 132 -6.20 -17.45 -17.83
C ASP A 132 -7.31 -16.61 -18.42
N GLU A 133 -8.48 -16.59 -17.78
CA GLU A 133 -9.62 -15.80 -18.25
C GLU A 133 -9.32 -14.31 -18.30
N GLU A 134 -9.28 -13.73 -19.49
CA GLU A 134 -9.10 -12.29 -19.59
C GLU A 134 -10.39 -11.58 -19.20
N LEU A 135 -10.23 -10.37 -18.64
CA LEU A 135 -11.34 -9.61 -18.11
C LEU A 135 -11.63 -8.39 -18.97
N LYS A 136 -12.91 -8.09 -19.14
CA LYS A 136 -13.34 -6.90 -19.86
C LYS A 136 -13.36 -5.71 -18.90
N MET A 137 -12.78 -4.59 -19.34
CA MET A 137 -12.60 -3.44 -18.47
C MET A 137 -13.26 -2.21 -19.08
N LEU A 138 -13.62 -1.28 -18.20
CA LEU A 138 -14.22 0.00 -18.61
C LEU A 138 -13.92 1.02 -17.53
N ALA A 139 -13.29 2.13 -17.92
CA ALA A 139 -13.00 3.22 -17.01
C ALA A 139 -13.96 4.36 -17.28
N PHE A 140 -14.57 4.90 -16.22
CA PHE A 140 -15.50 6.01 -16.37
C PHE A 140 -15.14 7.13 -15.40
N ALA A 141 -15.33 8.36 -15.87
CA ALA A 141 -15.16 9.55 -15.05
C ALA A 141 -16.32 10.49 -15.33
N ILE A 142 -16.52 11.44 -14.42
CA ILE A 142 -17.62 12.40 -14.54
C ILE A 142 -17.04 13.82 -14.53
N ALA A 143 -17.88 14.76 -14.96
CA ALA A 143 -17.56 16.18 -14.90
C ALA A 143 -18.80 16.91 -14.44
N THR A 144 -18.70 17.62 -13.32
CA THR A 144 -19.85 18.21 -12.67
C THR A 144 -19.74 19.72 -12.61
N LEU A 145 -20.89 20.37 -12.40
CA LEU A 145 -20.95 21.81 -12.20
C LEU A 145 -20.76 22.10 -10.72
N TYR A 146 -19.69 22.82 -10.39
CA TYR A 146 -19.40 23.17 -9.02
C TYR A 146 -19.57 24.66 -8.80
N HIS A 147 -20.33 25.02 -7.77
CA HIS A 147 -20.42 26.39 -7.28
C HIS A 147 -20.12 26.38 -5.79
N GLU A 148 -19.22 27.26 -5.37
CA GLU A 148 -18.83 27.33 -3.97
C GLU A 148 -20.02 27.64 -3.08
N GLY A 149 -19.93 27.21 -1.83
CA GLY A 149 -20.98 27.42 -0.85
C GLY A 149 -22.19 26.53 -0.99
N GLU A 150 -22.33 25.82 -2.11
CA GLU A 150 -23.45 24.93 -2.31
C GLU A 150 -23.17 23.55 -1.71
N GLU A 151 -24.24 22.79 -1.49
CA GLU A 151 -24.11 21.44 -0.97
C GLU A 151 -23.54 20.53 -2.05
N PHE A 152 -23.31 19.27 -1.68
CA PHE A 152 -22.75 18.31 -2.62
C PHE A 152 -23.79 17.93 -3.67
N ALA A 153 -23.37 17.96 -4.94
CA ALA A 153 -24.19 17.58 -6.08
C ALA A 153 -25.42 18.47 -6.24
N GLU A 154 -25.37 19.70 -5.74
CA GLU A 154 -26.45 20.65 -6.01
C GLU A 154 -26.52 20.96 -7.50
N GLY A 155 -25.38 21.12 -8.14
CA GLY A 155 -25.32 21.27 -9.57
C GLY A 155 -25.39 19.93 -10.28
N PRO A 156 -25.55 19.99 -11.60
CA PRO A 156 -25.69 18.76 -12.39
C PRO A 156 -24.36 18.19 -12.83
N ILE A 157 -24.43 16.97 -13.34
CA ILE A 157 -23.28 16.32 -13.98
C ILE A 157 -23.24 16.78 -15.43
N LEU A 158 -22.12 17.39 -15.83
CA LEU A 158 -22.06 17.98 -17.16
C LEU A 158 -21.69 16.94 -18.21
N MET A 159 -20.70 16.10 -17.93
CA MET A 159 -20.24 15.10 -18.88
C MET A 159 -19.94 13.81 -18.13
N ILE A 160 -20.09 12.69 -18.84
CA ILE A 160 -19.72 11.38 -18.35
C ILE A 160 -18.82 10.74 -19.40
N SER A 161 -17.54 10.58 -19.08
CA SER A 161 -16.57 10.02 -19.99
C SER A 161 -16.31 8.57 -19.65
N TYR A 162 -16.15 7.74 -20.68
CA TYR A 162 -15.79 6.34 -20.51
C TYR A 162 -14.72 5.98 -21.53
N ALA A 163 -13.84 5.06 -21.13
CA ALA A 163 -12.76 4.63 -22.00
C ALA A 163 -12.59 3.12 -21.87
N ASP A 164 -12.28 2.48 -22.99
CA ASP A 164 -12.05 1.05 -23.01
C ASP A 164 -11.06 0.74 -24.13
N GLU A 165 -11.00 -0.52 -24.54
CA GLU A 165 -10.08 -0.90 -25.62
C GLU A 165 -10.44 -0.21 -26.93
N GLU A 166 -11.71 0.10 -27.14
CA GLU A 166 -12.13 0.72 -28.40
C GLU A 166 -11.78 2.20 -28.45
N GLY A 167 -11.70 2.87 -27.31
CA GLY A 167 -11.35 4.26 -27.25
C GLY A 167 -12.10 4.95 -26.14
N ALA A 168 -11.99 6.28 -26.13
CA ALA A 168 -12.65 7.11 -25.13
C ALA A 168 -13.74 7.95 -25.79
N ARG A 169 -14.90 8.03 -25.12
CA ARG A 169 -16.02 8.81 -25.59
C ARG A 169 -16.65 9.55 -24.43
N VAL A 170 -17.25 10.70 -24.72
CA VAL A 170 -17.84 11.57 -23.72
C VAL A 170 -19.32 11.76 -24.03
N ILE A 171 -20.18 11.59 -23.02
CA ILE A 171 -21.61 11.82 -23.14
C ILE A 171 -21.93 13.12 -22.43
N THR A 172 -22.52 14.07 -23.16
CA THR A 172 -22.83 15.38 -22.61
C THR A 172 -24.15 15.87 -23.16
N TRP A 173 -24.83 16.73 -22.39
CA TRP A 173 -26.11 17.30 -22.78
C TRP A 173 -25.96 18.72 -23.34
N LYS A 174 -24.88 18.96 -24.09
CA LYS A 174 -24.73 20.17 -24.89
C LYS A 174 -23.93 19.83 -26.13
N ASN A 175 -23.96 20.75 -27.09
CA ASN A 175 -23.39 20.49 -28.41
C ASN A 175 -21.89 20.76 -28.41
N VAL A 176 -21.10 19.74 -28.72
CA VAL A 176 -19.67 19.87 -28.97
C VAL A 176 -19.34 19.06 -30.21
N ASP A 177 -18.60 19.66 -31.15
CA ASP A 177 -18.29 19.02 -32.41
C ASP A 177 -17.16 17.98 -32.30
N LEU A 178 -16.68 17.69 -31.10
CA LEU A 178 -15.62 16.71 -30.96
C LEU A 178 -16.12 15.34 -31.39
N PRO A 179 -15.35 14.61 -32.21
CA PRO A 179 -15.86 13.34 -32.76
C PRO A 179 -16.17 12.29 -31.71
N TYR A 180 -15.49 12.33 -30.57
CA TYR A 180 -15.73 11.38 -29.49
C TYR A 180 -16.81 11.86 -28.52
N VAL A 181 -17.64 12.81 -28.94
CA VAL A 181 -18.70 13.37 -28.09
C VAL A 181 -20.04 12.89 -28.61
N ASP A 182 -20.81 12.24 -27.75
CA ASP A 182 -22.19 11.87 -28.03
C ASP A 182 -23.11 12.83 -27.27
N VAL A 183 -24.00 13.48 -28.00
CA VAL A 183 -24.81 14.57 -27.47
C VAL A 183 -26.20 14.06 -27.13
N VAL A 184 -26.68 14.42 -25.94
CA VAL A 184 -28.02 14.07 -25.47
C VAL A 184 -28.73 15.36 -25.08
N SER A 185 -29.99 15.22 -24.66
CA SER A 185 -30.81 16.39 -24.37
C SER A 185 -30.72 16.84 -22.92
N THR A 186 -30.73 15.92 -21.97
CA THR A 186 -30.76 16.26 -20.55
C THR A 186 -29.72 15.45 -19.81
N GLU A 187 -29.46 15.87 -18.57
CA GLU A 187 -28.61 15.08 -17.68
C GLU A 187 -29.19 13.69 -17.47
N ARG A 188 -30.52 13.56 -17.49
CA ARG A 188 -31.15 12.26 -17.34
C ARG A 188 -30.81 11.35 -18.50
N GLU A 189 -30.88 11.86 -19.73
CA GLU A 189 -30.53 11.04 -20.89
C GLU A 189 -29.04 10.72 -20.90
N MET A 190 -28.20 11.63 -20.41
CA MET A 190 -26.77 11.36 -20.29
C MET A 190 -26.51 10.19 -19.38
N ILE A 191 -27.08 10.23 -18.16
CA ILE A 191 -26.93 9.12 -17.23
C ILE A 191 -27.53 7.85 -17.82
N LYS A 192 -28.73 7.96 -18.39
CA LYS A 192 -29.38 6.80 -18.99
C LYS A 192 -28.51 6.15 -20.06
N ARG A 193 -27.93 6.98 -20.94
CA ARG A 193 -27.06 6.45 -21.99
C ARG A 193 -25.84 5.75 -21.39
N PHE A 194 -25.26 6.31 -20.32
CA PHE A 194 -24.11 5.68 -19.68
C PHE A 194 -24.46 4.29 -19.17
N LEU A 195 -25.62 4.16 -18.50
CA LEU A 195 -26.06 2.85 -18.04
C LEU A 195 -26.25 1.89 -19.21
N ARG A 196 -26.78 2.39 -20.33
CA ARG A 196 -26.93 1.56 -21.51
C ARG A 196 -25.57 1.08 -22.01
N VAL A 197 -24.57 1.97 -22.03
CA VAL A 197 -23.24 1.59 -22.49
C VAL A 197 -22.67 0.50 -21.59
N VAL A 198 -22.82 0.65 -20.28
CA VAL A 198 -22.34 -0.36 -19.35
C VAL A 198 -23.09 -1.68 -19.57
N LYS A 199 -24.41 -1.62 -19.58
CA LYS A 199 -25.22 -2.82 -19.76
C LYS A 199 -24.83 -3.59 -21.01
N GLU A 200 -24.60 -2.87 -22.11
CA GLU A 200 -24.27 -3.52 -23.37
C GLU A 200 -22.83 -4.02 -23.42
N LYS A 201 -21.92 -3.39 -22.67
CA LYS A 201 -20.54 -3.82 -22.64
C LYS A 201 -20.27 -4.89 -21.59
N ASP A 202 -21.20 -5.10 -20.66
CA ASP A 202 -21.10 -6.06 -19.56
C ASP A 202 -19.69 -6.08 -18.97
N PRO A 203 -19.18 -4.94 -18.50
CA PRO A 203 -17.77 -4.89 -18.08
C PRO A 203 -17.54 -5.66 -16.80
N ASP A 204 -16.38 -6.33 -16.74
CA ASP A 204 -16.03 -7.09 -15.54
C ASP A 204 -15.52 -6.16 -14.43
N VAL A 205 -14.73 -5.16 -14.79
CA VAL A 205 -14.17 -4.22 -13.83
C VAL A 205 -14.46 -2.80 -14.30
N LEU A 206 -14.81 -1.93 -13.36
CA LEU A 206 -15.09 -0.53 -13.62
C LEU A 206 -14.01 0.31 -12.96
N ILE A 207 -13.16 0.94 -13.77
CA ILE A 207 -11.98 1.66 -13.26
C ILE A 207 -12.37 3.10 -12.97
N THR A 208 -12.16 3.52 -11.73
CA THR A 208 -12.40 4.90 -11.32
C THR A 208 -11.20 5.41 -10.53
N TYR A 209 -10.98 6.71 -10.60
CA TYR A 209 -9.98 7.38 -9.77
C TYR A 209 -10.74 8.19 -8.71
N ASN A 210 -10.59 7.77 -7.45
CA ASN A 210 -11.31 8.35 -6.32
C ASN A 210 -12.82 8.16 -6.45
N GLY A 211 -13.25 7.16 -7.22
CA GLY A 211 -14.67 6.91 -7.37
C GLY A 211 -15.35 6.44 -6.11
N ASP A 212 -14.59 5.87 -5.18
CA ASP A 212 -15.18 5.43 -3.92
C ASP A 212 -15.65 6.59 -3.05
N ASN A 213 -15.19 7.81 -3.33
CA ASN A 213 -15.52 8.96 -2.48
C ASN A 213 -16.09 10.14 -3.25
N PHE A 214 -16.38 9.98 -4.55
CA PHE A 214 -16.93 11.10 -5.31
C PHE A 214 -17.85 10.65 -6.43
N ASP A 215 -17.26 10.09 -7.49
CA ASP A 215 -17.99 9.86 -8.74
C ASP A 215 -19.29 9.09 -8.50
N PHE A 216 -19.23 8.03 -7.69
CA PHE A 216 -20.43 7.25 -7.44
C PHE A 216 -21.40 7.98 -6.52
N ALA A 217 -20.88 8.76 -5.57
CA ALA A 217 -21.76 9.52 -4.68
C ALA A 217 -22.48 10.62 -5.44
N TYR A 218 -21.76 11.34 -6.31
CA TYR A 218 -22.40 12.35 -7.15
C TYR A 218 -23.45 11.72 -8.04
N LEU A 219 -23.10 10.61 -8.71
CA LEU A 219 -24.04 9.92 -9.58
C LEU A 219 -25.27 9.44 -8.82
N LYS A 220 -25.07 8.99 -7.58
CA LYS A 220 -26.21 8.54 -6.77
C LYS A 220 -27.14 9.70 -6.45
N LYS A 221 -26.57 10.81 -5.94
CA LYS A 221 -27.37 11.97 -5.58
C LYS A 221 -28.17 12.47 -6.78
N ARG A 222 -27.57 12.49 -7.97
CA ARG A 222 -28.27 12.95 -9.15
C ARG A 222 -29.35 11.94 -9.58
N CYS A 223 -29.01 10.65 -9.56
CA CYS A 223 -29.99 9.63 -9.91
C CYS A 223 -31.18 9.63 -8.96
N GLU A 224 -31.01 10.13 -7.73
CA GLU A 224 -32.14 10.24 -6.81
C GLU A 224 -32.95 11.51 -7.08
N LYS A 225 -32.26 12.61 -7.40
CA LYS A 225 -32.98 13.84 -7.75
C LYS A 225 -33.75 13.67 -9.04
N LEU A 226 -33.09 13.15 -10.08
CA LEU A 226 -33.71 13.00 -11.39
C LEU A 226 -34.56 11.74 -11.51
N GLY A 227 -34.68 10.95 -10.46
CA GLY A 227 -35.47 9.74 -10.48
C GLY A 227 -35.00 8.71 -11.49
N ILE A 228 -33.76 8.25 -11.33
CA ILE A 228 -33.18 7.24 -12.19
C ILE A 228 -32.81 6.04 -11.33
N ASN A 229 -32.77 4.86 -11.95
CA ASN A 229 -32.37 3.63 -11.29
C ASN A 229 -30.96 3.29 -11.75
N PHE A 230 -29.96 3.64 -10.93
CA PHE A 230 -28.55 3.45 -11.27
C PHE A 230 -28.19 1.98 -11.22
N ALA A 231 -28.91 1.15 -11.97
CA ALA A 231 -28.73 -0.31 -11.92
C ALA A 231 -27.50 -0.71 -12.74
N LEU A 232 -26.34 -0.36 -12.19
CA LEU A 232 -25.07 -0.70 -12.86
C LEU A 232 -24.60 -2.10 -12.54
N GLY A 233 -25.21 -2.78 -11.58
CA GLY A 233 -24.81 -4.13 -11.25
C GLY A 233 -25.42 -5.16 -12.20
N ARG A 234 -24.69 -6.26 -12.38
CA ARG A 234 -25.19 -7.33 -13.25
C ARG A 234 -26.44 -7.99 -12.67
N ASP A 235 -26.62 -7.94 -11.36
CA ASP A 235 -27.84 -8.43 -10.73
C ASP A 235 -28.98 -7.43 -10.81
N GLY A 236 -28.79 -6.32 -11.54
CA GLY A 236 -29.77 -5.26 -11.57
C GLY A 236 -29.89 -4.57 -10.24
N SER A 237 -28.78 -3.98 -9.78
CA SER A 237 -28.77 -3.28 -8.50
C SER A 237 -27.97 -2.00 -8.63
N GLU A 238 -28.16 -1.11 -7.69
CA GLU A 238 -27.43 0.14 -7.70
C GLU A 238 -26.15 0.03 -6.87
N PRO A 239 -25.12 0.79 -7.25
CA PRO A 239 -23.86 0.78 -6.47
C PRO A 239 -24.08 0.97 -4.98
N LYS A 240 -23.73 -0.05 -4.20
CA LYS A 240 -23.90 -0.03 -2.76
C LYS A 240 -22.67 0.54 -2.08
N ILE A 241 -22.87 1.11 -0.90
CA ILE A 241 -21.81 1.79 -0.15
C ILE A 241 -21.44 0.96 1.06
N GLN A 242 -20.15 0.97 1.41
CA GLN A 242 -19.64 0.26 2.57
C GLN A 242 -18.63 1.15 3.26
N ARG A 243 -18.71 1.22 4.60
CA ARG A 243 -17.80 2.07 5.35
C ARG A 243 -16.38 1.54 5.31
N MET A 244 -15.41 2.46 5.24
CA MET A 244 -13.98 2.13 5.27
C MET A 244 -13.32 3.13 6.22
N GLY A 245 -13.50 2.90 7.52
CA GLY A 245 -12.97 3.81 8.52
C GLY A 245 -13.62 5.18 8.41
N ASP A 246 -12.80 6.20 8.18
CA ASP A 246 -13.32 7.56 8.06
C ASP A 246 -14.14 7.73 6.79
N ARG A 247 -13.76 7.06 5.71
CA ARG A 247 -14.38 7.25 4.41
C ARG A 247 -15.23 6.01 4.05
N PHE A 248 -15.54 5.86 2.77
CA PHE A 248 -16.42 4.81 2.29
C PHE A 248 -15.87 4.24 0.99
N ALA A 249 -16.46 3.12 0.57
CA ALA A 249 -16.15 2.48 -0.70
C ALA A 249 -17.42 1.92 -1.28
N VAL A 250 -17.49 1.86 -2.61
CA VAL A 250 -18.70 1.50 -3.32
C VAL A 250 -18.46 0.20 -4.09
N GLU A 251 -19.41 -0.73 -3.97
CA GLU A 251 -19.38 -1.99 -4.70
C GLU A 251 -20.39 -1.97 -5.84
N VAL A 252 -20.07 -2.70 -6.89
CA VAL A 252 -20.96 -2.94 -8.02
C VAL A 252 -21.15 -4.44 -8.11
N LYS A 253 -22.23 -4.95 -7.52
CA LYS A 253 -22.45 -6.38 -7.41
C LYS A 253 -22.37 -7.05 -8.78
N GLY A 254 -21.73 -8.22 -8.82
CA GLY A 254 -21.47 -8.89 -10.08
C GLY A 254 -20.32 -8.33 -10.88
N ARG A 255 -19.74 -7.22 -10.44
CA ARG A 255 -18.58 -6.61 -11.07
C ARG A 255 -17.55 -6.29 -10.00
N ILE A 256 -16.42 -5.73 -10.41
CA ILE A 256 -15.37 -5.32 -9.49
C ILE A 256 -15.10 -3.83 -9.74
N HIS A 257 -15.43 -3.00 -8.76
CA HIS A 257 -15.11 -1.58 -8.85
C HIS A 257 -13.66 -1.38 -8.46
N PHE A 258 -12.82 -1.06 -9.44
CA PHE A 258 -11.39 -0.85 -9.22
C PHE A 258 -11.14 0.64 -9.09
N ASP A 259 -11.02 1.11 -7.83
CA ASP A 259 -10.66 2.50 -7.56
C ASP A 259 -9.14 2.58 -7.56
N LEU A 260 -8.59 3.32 -8.52
CA LEU A 260 -7.15 3.39 -8.67
C LEU A 260 -6.48 4.22 -7.59
N TYR A 261 -7.22 5.06 -6.87
CA TYR A 261 -6.59 5.95 -5.90
C TYR A 261 -5.93 5.20 -4.76
N PRO A 262 -6.62 4.31 -4.02
CA PRO A 262 -5.92 3.60 -2.93
C PRO A 262 -4.74 2.78 -3.42
N VAL A 263 -4.89 2.10 -4.56
CA VAL A 263 -3.81 1.27 -5.09
C VAL A 263 -2.60 2.13 -5.43
N ILE A 264 -2.82 3.24 -6.15
CA ILE A 264 -1.71 4.06 -6.60
C ILE A 264 -1.06 4.79 -5.43
N ARG A 265 -1.84 5.20 -4.42
CA ARG A 265 -1.25 5.82 -3.25
C ARG A 265 -0.34 4.85 -2.50
N ARG A 266 -0.74 3.58 -2.43
CA ARG A 266 0.06 2.59 -1.73
C ARG A 266 1.30 2.20 -2.53
N THR A 267 1.13 1.96 -3.84
CA THR A 267 2.22 1.41 -4.64
C THR A 267 3.32 2.44 -4.86
N ILE A 268 2.95 3.68 -5.21
CA ILE A 268 3.91 4.70 -5.61
C ILE A 268 3.90 5.81 -4.56
N ASN A 269 5.04 6.48 -4.43
CA ASN A 269 5.20 7.64 -3.55
C ASN A 269 5.58 8.84 -4.40
N LEU A 270 4.70 9.83 -4.46
CA LEU A 270 4.87 11.04 -5.24
C LEU A 270 4.52 12.25 -4.40
N PRO A 271 4.94 13.45 -4.81
CA PRO A 271 4.62 14.64 -4.01
C PRO A 271 3.14 14.94 -3.96
N THR A 272 2.44 14.88 -5.09
CA THR A 272 1.00 15.10 -5.15
C THR A 272 0.36 14.00 -5.97
N TYR A 273 -0.79 13.51 -5.51
CA TYR A 273 -1.49 12.41 -6.17
C TYR A 273 -2.66 12.90 -7.00
N THR A 274 -2.44 13.92 -7.83
CA THR A 274 -3.44 14.30 -8.81
C THR A 274 -3.38 13.33 -9.99
N LEU A 275 -4.53 13.16 -10.63
CA LEU A 275 -4.60 12.25 -11.78
C LEU A 275 -3.58 12.63 -12.84
N GLU A 276 -3.43 13.94 -13.10
CA GLU A 276 -2.44 14.38 -14.08
C GLU A 276 -1.03 14.04 -13.61
N ALA A 277 -0.76 14.18 -12.30
CA ALA A 277 0.56 13.87 -11.77
C ALA A 277 0.83 12.37 -11.85
N VAL A 278 -0.14 11.55 -11.47
CA VAL A 278 0.03 10.11 -11.52
C VAL A 278 0.30 9.65 -12.94
N TYR A 279 -0.38 10.26 -13.91
CA TYR A 279 -0.18 9.84 -15.30
C TYR A 279 1.22 10.17 -15.78
N GLU A 280 1.66 11.42 -15.61
CA GLU A 280 3.00 11.79 -16.05
C GLU A 280 4.07 11.03 -15.29
N ALA A 281 3.79 10.60 -14.06
CA ALA A 281 4.76 9.82 -13.33
C ALA A 281 4.87 8.40 -13.90
N VAL A 282 3.73 7.74 -14.11
CA VAL A 282 3.75 6.35 -14.56
C VAL A 282 4.12 6.27 -16.04
N PHE A 283 3.77 7.27 -16.84
CA PHE A 283 3.97 7.21 -18.28
C PHE A 283 4.90 8.26 -18.87
N GLY A 284 5.31 9.26 -18.08
CA GLY A 284 6.24 10.27 -18.57
C GLY A 284 5.61 11.40 -19.35
N GLN A 285 4.37 11.25 -19.82
CA GLN A 285 3.79 12.31 -20.62
C GLN A 285 2.83 13.15 -19.78
N PRO A 286 2.87 14.47 -19.92
CA PRO A 286 2.03 15.33 -19.07
C PRO A 286 0.57 15.25 -19.45
N LYS A 287 -0.28 15.66 -18.50
CA LYS A 287 -1.71 15.74 -18.72
C LYS A 287 -2.20 17.10 -18.23
N GLU A 288 -2.88 17.83 -19.11
CA GLU A 288 -3.37 19.16 -18.76
C GLU A 288 -4.53 19.07 -17.78
N LYS A 289 -4.61 20.06 -16.90
CA LYS A 289 -5.67 20.17 -15.90
C LYS A 289 -6.61 21.31 -16.25
N VAL A 290 -7.92 21.04 -16.14
CA VAL A 290 -8.95 22.06 -16.28
C VAL A 290 -9.74 22.07 -14.97
N TYR A 291 -9.64 23.18 -14.25
CA TYR A 291 -10.21 23.27 -12.91
C TYR A 291 -11.71 23.51 -12.97
N ALA A 292 -12.37 23.28 -11.82
CA ALA A 292 -13.82 23.40 -11.76
C ALA A 292 -14.29 24.81 -12.08
N GLU A 293 -13.46 25.82 -11.80
CA GLU A 293 -13.81 27.19 -12.18
C GLU A 293 -13.95 27.31 -13.69
N GLU A 294 -12.93 26.89 -14.43
CA GLU A 294 -12.98 26.91 -15.88
C GLU A 294 -14.16 26.08 -16.40
N ILE A 295 -14.42 24.94 -15.77
CA ILE A 295 -15.48 24.06 -16.22
C ILE A 295 -16.84 24.73 -16.08
N THR A 296 -17.11 25.28 -14.88
CA THR A 296 -18.40 25.92 -14.64
C THR A 296 -18.58 27.13 -15.56
N THR A 297 -17.53 27.94 -15.72
CA THR A 297 -17.61 29.10 -16.60
C THR A 297 -17.88 28.68 -18.05
N ALA A 298 -17.18 27.64 -18.52
CA ALA A 298 -17.39 27.18 -19.88
C ALA A 298 -18.81 26.68 -20.10
N TRP A 299 -19.39 26.04 -19.08
CA TRP A 299 -20.75 25.51 -19.22
C TRP A 299 -21.79 26.62 -19.17
N GLU A 300 -21.58 27.61 -18.31
CA GLU A 300 -22.59 28.66 -18.14
C GLU A 300 -22.54 29.70 -19.25
N THR A 301 -21.36 29.95 -19.82
CA THR A 301 -21.26 30.85 -20.96
C THR A 301 -21.30 30.13 -22.29
N GLY A 302 -21.29 28.80 -22.28
CA GLY A 302 -21.31 28.03 -23.51
C GLY A 302 -20.09 28.21 -24.38
N GLU A 303 -19.00 28.71 -23.82
CA GLU A 303 -17.79 29.01 -24.57
C GLU A 303 -16.67 28.05 -24.18
N ASN A 304 -15.95 27.57 -25.19
CA ASN A 304 -14.82 26.66 -25.01
C ASN A 304 -15.21 25.40 -24.24
N LEU A 305 -16.41 24.88 -24.54
CA LEU A 305 -16.80 23.59 -23.97
C LEU A 305 -16.03 22.43 -24.60
N GLU A 306 -15.44 22.64 -25.77
CA GLU A 306 -14.65 21.58 -26.39
C GLU A 306 -13.46 21.19 -25.50
N ARG A 307 -12.76 22.19 -24.97
CA ARG A 307 -11.60 21.90 -24.12
C ARG A 307 -12.02 21.12 -22.87
N VAL A 308 -13.14 21.49 -22.26
CA VAL A 308 -13.62 20.76 -21.08
C VAL A 308 -13.91 19.31 -21.43
N ALA A 309 -14.43 19.06 -22.63
CA ALA A 309 -14.67 17.68 -23.05
C ALA A 309 -13.37 16.92 -23.27
N ARG A 310 -12.34 17.62 -23.77
CA ARG A 310 -11.03 16.99 -23.92
C ARG A 310 -10.49 16.52 -22.58
N TYR A 311 -10.64 17.35 -21.54
CA TYR A 311 -10.26 16.94 -20.19
C TYR A 311 -11.00 15.67 -19.76
N SER A 312 -12.30 15.59 -20.06
CA SER A 312 -13.08 14.41 -19.68
C SER A 312 -12.60 13.18 -20.41
N MET A 313 -12.41 13.29 -21.73
CA MET A 313 -11.90 12.16 -22.52
C MET A 313 -10.57 11.66 -21.99
N GLU A 314 -9.63 12.59 -21.72
CA GLU A 314 -8.35 12.19 -21.17
C GLU A 314 -8.51 11.59 -19.78
N ASP A 315 -9.23 12.29 -18.88
CA ASP A 315 -9.48 11.78 -17.53
C ASP A 315 -9.94 10.33 -17.53
N ALA A 316 -10.65 9.89 -18.58
CA ALA A 316 -11.07 8.50 -18.70
C ALA A 316 -10.05 7.63 -19.42
N LYS A 317 -9.47 8.11 -20.52
CA LYS A 317 -8.49 7.31 -21.25
C LYS A 317 -7.28 7.00 -20.39
N VAL A 318 -6.81 7.97 -19.61
CA VAL A 318 -5.69 7.72 -18.72
C VAL A 318 -6.10 6.78 -17.60
N THR A 319 -7.33 6.92 -17.09
CA THR A 319 -7.81 6.05 -16.02
C THR A 319 -7.81 4.59 -16.47
N TYR A 320 -8.16 4.34 -17.73
CA TYR A 320 -8.12 2.98 -18.26
C TYR A 320 -6.69 2.46 -18.35
N GLU A 321 -5.80 3.21 -18.99
CA GLU A 321 -4.41 2.77 -19.14
C GLU A 321 -3.76 2.55 -17.77
N LEU A 322 -4.00 3.46 -16.82
CA LEU A 322 -3.48 3.25 -15.47
C LEU A 322 -4.04 1.97 -14.86
N GLY A 323 -5.35 1.77 -14.96
CA GLY A 323 -5.93 0.53 -14.46
C GLY A 323 -5.38 -0.69 -15.17
N LYS A 324 -5.19 -0.60 -16.48
CA LYS A 324 -4.61 -1.71 -17.24
C LYS A 324 -3.22 -2.09 -16.73
N GLU A 325 -2.47 -1.12 -16.21
CA GLU A 325 -1.12 -1.38 -15.71
C GLU A 325 -1.10 -1.89 -14.27
N PHE A 326 -2.12 -1.55 -13.48
CA PHE A 326 -2.13 -1.85 -12.04
C PHE A 326 -3.11 -2.95 -11.64
N LEU A 327 -3.96 -3.42 -12.56
CA LEU A 327 -4.91 -4.48 -12.23
C LEU A 327 -4.26 -5.86 -12.19
N PRO A 328 -3.45 -6.26 -13.19
CA PRO A 328 -2.86 -7.61 -13.12
C PRO A 328 -2.12 -7.89 -11.82
N MET A 329 -1.33 -6.92 -11.33
CA MET A 329 -0.62 -7.10 -10.08
C MET A 329 -1.58 -7.26 -8.92
N GLU A 330 -2.58 -6.37 -8.84
CA GLU A 330 -3.55 -6.46 -7.75
C GLU A 330 -4.40 -7.72 -7.85
N ALA A 331 -4.59 -8.24 -9.06
CA ALA A 331 -5.31 -9.50 -9.20
C ALA A 331 -4.49 -10.66 -8.66
N GLN A 332 -3.17 -10.64 -8.89
CA GLN A 332 -2.32 -11.68 -8.35
C GLN A 332 -2.23 -11.60 -6.83
N LEU A 333 -2.22 -10.38 -6.29
CA LEU A 333 -2.30 -10.22 -4.84
C LEU A 333 -3.58 -10.83 -4.30
N SER A 334 -4.70 -10.61 -4.98
CA SER A 334 -5.96 -11.23 -4.58
C SER A 334 -5.85 -12.76 -4.62
N ARG A 335 -5.22 -13.29 -5.66
CA ARG A 335 -5.00 -14.75 -5.73
C ARG A 335 -4.17 -15.23 -4.55
N LEU A 336 -3.20 -14.43 -4.12
CA LEU A 336 -2.30 -14.86 -3.04
C LEU A 336 -3.01 -14.84 -1.69
N ILE A 337 -3.72 -13.75 -1.40
CA ILE A 337 -4.39 -13.62 -0.11
C ILE A 337 -5.64 -14.50 0.00
N GLY A 338 -6.27 -14.83 -1.13
CA GLY A 338 -7.50 -15.58 -1.09
C GLY A 338 -8.73 -14.72 -0.85
N GLN A 339 -8.68 -13.45 -1.23
CA GLN A 339 -9.80 -12.54 -1.06
C GLN A 339 -10.05 -11.81 -2.36
N SER A 340 -11.25 -11.22 -2.46
CA SER A 340 -11.68 -10.59 -3.70
C SER A 340 -10.79 -9.40 -4.03
N LEU A 341 -10.58 -9.19 -5.33
CA LEU A 341 -9.78 -8.05 -5.80
C LEU A 341 -10.28 -6.75 -5.20
N TRP A 342 -11.61 -6.62 -5.07
CA TRP A 342 -12.18 -5.42 -4.46
C TRP A 342 -11.63 -5.19 -3.07
N ASP A 343 -11.58 -6.25 -2.25
CA ASP A 343 -11.15 -6.09 -0.86
C ASP A 343 -9.63 -5.88 -0.77
N VAL A 344 -8.86 -6.63 -1.56
CA VAL A 344 -7.41 -6.52 -1.46
C VAL A 344 -6.91 -5.19 -2.00
N SER A 345 -7.61 -4.62 -2.97
CA SER A 345 -7.20 -3.35 -3.54
C SER A 345 -7.48 -2.17 -2.62
N ARG A 346 -8.21 -2.38 -1.53
CA ARG A 346 -8.55 -1.32 -0.60
C ARG A 346 -8.06 -1.58 0.82
N SER A 347 -7.56 -2.77 1.12
CA SER A 347 -7.21 -3.14 2.48
C SER A 347 -5.75 -2.83 2.78
N SER A 348 -5.48 -2.60 4.07
CA SER A 348 -4.12 -2.36 4.50
C SER A 348 -3.31 -3.65 4.43
N THR A 349 -1.98 -3.51 4.37
CA THR A 349 -1.12 -4.68 4.30
C THR A 349 -1.27 -5.54 5.55
N GLY A 350 -1.45 -4.91 6.72
CA GLY A 350 -1.59 -5.69 7.95
C GLY A 350 -2.89 -6.45 8.01
N ASN A 351 -3.88 -6.00 7.25
CA ASN A 351 -5.14 -6.73 7.20
C ASN A 351 -5.09 -7.84 6.15
N LEU A 352 -4.29 -7.64 5.10
CA LEU A 352 -4.11 -8.69 4.10
C LEU A 352 -3.42 -9.90 4.69
N VAL A 353 -2.42 -9.68 5.56
CA VAL A 353 -1.74 -10.80 6.20
C VAL A 353 -2.67 -11.52 7.16
N GLU A 354 -3.68 -10.82 7.69
CA GLU A 354 -4.65 -11.49 8.55
C GLU A 354 -5.53 -12.45 7.75
N TRP A 355 -5.96 -12.02 6.55
CA TRP A 355 -6.74 -12.92 5.70
C TRP A 355 -5.91 -14.13 5.30
N PHE A 356 -4.67 -13.91 4.86
CA PHE A 356 -3.78 -15.00 4.50
C PHE A 356 -3.59 -15.96 5.67
N LEU A 357 -3.31 -15.42 6.86
CA LEU A 357 -3.03 -16.26 8.02
C LEU A 357 -4.26 -17.04 8.46
N LEU A 358 -5.45 -16.41 8.37
CA LEU A 358 -6.67 -17.10 8.76
C LEU A 358 -7.02 -18.21 7.79
N ARG A 359 -6.73 -18.01 6.50
CA ARG A 359 -6.87 -19.10 5.53
C ARG A 359 -5.93 -20.26 5.88
N LYS A 360 -4.66 -19.95 6.08
CA LYS A 360 -3.70 -20.99 6.45
C LYS A 360 -4.07 -21.66 7.77
N ALA A 361 -4.51 -20.86 8.76
CA ALA A 361 -4.88 -21.43 10.05
C ALA A 361 -6.06 -22.39 9.91
N TYR A 362 -7.00 -22.08 9.03
CA TYR A 362 -8.08 -23.02 8.75
C TYR A 362 -7.55 -24.27 8.06
N GLU A 363 -6.54 -24.12 7.22
CA GLU A 363 -5.90 -25.26 6.58
C GLU A 363 -5.18 -26.16 7.57
N ARG A 364 -4.80 -25.62 8.73
CA ARG A 364 -4.03 -26.37 9.73
C ARG A 364 -4.83 -26.64 10.99
N ASN A 365 -6.15 -26.50 10.94
CA ASN A 365 -7.03 -26.72 12.10
C ASN A 365 -6.58 -25.89 13.30
N GLU A 366 -5.95 -24.76 13.05
CA GLU A 366 -5.43 -23.89 14.11
C GLU A 366 -6.51 -22.87 14.47
N LEU A 367 -7.00 -22.95 15.70
CA LEU A 367 -7.98 -21.97 16.19
C LEU A 367 -7.37 -20.58 16.15
N ALA A 368 -7.90 -19.72 15.29
CA ALA A 368 -7.33 -18.39 15.12
C ALA A 368 -7.47 -17.60 16.42
N PRO A 369 -6.38 -17.05 16.95
CA PRO A 369 -6.49 -16.19 18.13
C PRO A 369 -7.32 -14.96 17.82
N ASN A 370 -7.99 -14.44 18.84
CA ASN A 370 -8.81 -13.25 18.67
C ASN A 370 -7.92 -12.02 18.57
N LYS A 371 -8.55 -10.88 18.46
CA LYS A 371 -7.86 -9.60 18.41
C LYS A 371 -7.57 -9.11 19.82
N PRO A 372 -6.56 -8.26 19.99
CA PRO A 372 -6.22 -7.80 21.35
C PRO A 372 -7.30 -6.89 21.92
N ASP A 373 -7.68 -7.16 23.16
CA ASP A 373 -8.56 -6.26 23.88
C ASP A 373 -7.79 -5.00 24.27
N GLU A 374 -8.48 -4.07 24.94
CA GLU A 374 -7.85 -2.79 25.27
C GLU A 374 -6.73 -2.99 26.29
N LYS A 375 -6.94 -3.83 27.31
CA LYS A 375 -5.92 -3.99 28.34
C LYS A 375 -4.69 -4.69 27.79
N GLU A 376 -4.87 -5.79 27.06
CA GLU A 376 -3.73 -6.47 26.45
C GLU A 376 -3.00 -5.56 25.45
N LEU A 377 -3.76 -4.73 24.72
CA LEU A 377 -3.14 -3.77 23.81
C LEU A 377 -2.12 -2.89 24.54
N ALA A 378 -2.47 -2.41 25.73
CA ALA A 378 -1.51 -1.65 26.52
C ALA A 378 -0.40 -2.56 27.04
N ARG A 379 -0.75 -3.79 27.43
CA ARG A 379 0.28 -4.76 27.80
C ARG A 379 1.21 -5.05 26.62
N ARG A 380 0.69 -5.00 25.40
CA ARG A 380 1.50 -5.17 24.19
C ARG A 380 2.30 -3.93 23.84
N ARG A 381 2.16 -2.84 24.58
CA ARG A 381 2.93 -1.62 24.34
C ARG A 381 4.35 -1.84 24.90
N GLN A 382 5.11 -2.64 24.16
CA GLN A 382 6.48 -2.98 24.50
C GLN A 382 7.38 -2.69 23.31
N LYS A 383 8.65 -2.43 23.60
CA LYS A 383 9.63 -2.04 22.59
C LYS A 383 10.78 -3.04 22.59
N TYR A 384 11.26 -3.38 21.40
CA TYR A 384 12.38 -4.30 21.24
C TYR A 384 13.36 -3.73 20.23
N GLU A 385 14.60 -4.21 20.31
CA GLU A 385 15.66 -3.71 19.43
C GLU A 385 15.49 -4.22 18.01
N GLY A 386 16.00 -3.45 17.05
CA GLY A 386 15.86 -3.81 15.66
C GLY A 386 17.18 -4.04 14.93
N GLY A 387 17.29 -3.46 13.73
CA GLY A 387 18.48 -3.65 12.93
C GLY A 387 19.69 -2.90 13.46
N TYR A 388 20.85 -3.24 12.91
CA TYR A 388 22.12 -2.60 13.22
C TYR A 388 22.50 -1.68 12.07
N VAL A 389 22.29 -0.38 12.25
CA VAL A 389 22.78 0.64 11.33
C VAL A 389 24.09 1.17 11.88
N LYS A 390 25.13 1.13 11.06
CA LYS A 390 26.44 1.62 11.48
C LYS A 390 26.58 3.08 11.09
N GLU A 391 27.25 3.85 11.94
CA GLU A 391 27.58 5.22 11.58
C GLU A 391 28.42 5.18 10.31
N PRO A 392 27.89 5.66 9.19
CA PRO A 392 28.58 5.47 7.91
C PRO A 392 29.93 6.16 7.90
N GLU A 393 30.86 5.56 7.16
CA GLU A 393 32.16 6.16 6.90
C GLU A 393 31.93 7.29 5.91
N ARG A 394 31.53 8.44 6.44
CA ARG A 394 31.11 9.56 5.60
C ARG A 394 32.19 9.96 4.62
N GLY A 395 31.77 10.24 3.39
CA GLY A 395 32.64 10.70 2.33
C GLY A 395 32.45 9.91 1.06
N LEU A 396 33.41 10.03 0.16
CA LEU A 396 33.38 9.38 -1.13
C LEU A 396 34.27 8.15 -1.12
N TRP A 397 33.74 7.03 -1.61
CA TRP A 397 34.47 5.79 -1.72
C TRP A 397 34.41 5.30 -3.16
N GLU A 398 35.41 4.51 -3.54
CA GLU A 398 35.58 4.07 -4.92
C GLU A 398 35.66 2.55 -4.96
N ASN A 399 35.15 1.99 -6.06
CA ASN A 399 35.17 0.55 -6.32
C ASN A 399 34.62 -0.23 -5.13
N ILE A 400 33.32 -0.11 -4.93
CA ILE A 400 32.64 -0.66 -3.76
C ILE A 400 31.59 -1.69 -4.22
N VAL A 401 31.14 -2.49 -3.26
CA VAL A 401 30.24 -3.61 -3.51
C VAL A 401 29.26 -3.73 -2.34
N TYR A 402 28.01 -4.03 -2.64
CA TYR A 402 26.98 -4.25 -1.64
C TYR A 402 26.62 -5.74 -1.59
N LEU A 403 26.67 -6.31 -0.39
CA LEU A 403 26.28 -7.70 -0.15
C LEU A 403 25.02 -7.70 0.69
N ASP A 404 24.03 -8.50 0.30
CA ASP A 404 22.75 -8.55 0.98
C ASP A 404 22.43 -9.98 1.41
N PHE A 405 21.65 -10.08 2.48
CA PHE A 405 21.11 -11.37 2.94
C PHE A 405 19.75 -11.57 2.28
N ARG A 406 19.62 -12.64 1.50
CA ARG A 406 18.35 -12.97 0.88
C ARG A 406 17.31 -13.34 1.93
N SER A 407 16.27 -12.52 2.03
CA SER A 407 15.14 -12.77 2.95
C SER A 407 15.65 -13.15 4.34
N LEU A 408 16.46 -12.26 4.91
CA LEU A 408 17.13 -12.54 6.17
C LEU A 408 16.12 -12.95 7.25
N TYR A 409 15.21 -12.05 7.60
CA TYR A 409 14.23 -12.33 8.65
C TYR A 409 13.41 -13.59 8.36
N PRO A 410 12.84 -13.79 7.17
CA PRO A 410 12.16 -15.08 6.92
C PRO A 410 13.07 -16.28 7.04
N SER A 411 14.29 -16.22 6.50
CA SER A 411 15.23 -17.32 6.65
C SER A 411 15.45 -17.66 8.12
N ILE A 412 15.60 -16.64 8.97
CA ILE A 412 15.77 -16.88 10.41
C ILE A 412 14.56 -17.60 10.97
N ILE A 413 13.36 -17.13 10.63
CA ILE A 413 12.12 -17.71 11.15
C ILE A 413 12.02 -19.19 10.81
N ILE A 414 12.38 -19.56 9.58
CA ILE A 414 12.30 -20.96 9.17
C ILE A 414 13.45 -21.76 9.77
N THR A 415 14.68 -21.23 9.68
CA THR A 415 15.86 -21.96 10.12
C THR A 415 15.75 -22.37 11.59
N HIS A 416 15.26 -21.48 12.44
CA HIS A 416 15.20 -21.70 13.88
C HIS A 416 13.80 -22.01 14.38
N ASN A 417 12.85 -22.27 13.48
CA ASN A 417 11.47 -22.57 13.85
C ASN A 417 10.91 -21.49 14.77
N VAL A 418 11.10 -20.25 14.36
CA VAL A 418 10.68 -19.10 15.17
C VAL A 418 9.20 -18.85 14.95
N SER A 419 8.40 -18.97 16.01
CA SER A 419 6.95 -18.75 15.96
C SER A 419 6.33 -18.76 17.36
N PRO A 420 5.16 -18.15 17.53
CA PRO A 420 4.52 -18.17 18.87
C PRO A 420 4.21 -19.57 19.37
N ASP A 421 4.01 -20.55 18.48
CA ASP A 421 3.69 -21.90 18.90
C ASP A 421 4.94 -22.75 19.18
N THR A 422 6.13 -22.27 18.84
CA THR A 422 7.38 -22.99 19.08
C THR A 422 8.26 -22.28 20.10
N LEU A 423 7.68 -21.44 20.95
CA LEU A 423 8.42 -20.64 21.91
C LEU A 423 8.29 -21.25 23.30
N ASN A 424 9.44 -21.50 23.94
CA ASN A 424 9.53 -22.04 25.29
C ASN A 424 8.54 -23.18 25.50
N ARG A 425 8.57 -24.13 24.56
CA ARG A 425 7.67 -25.27 24.57
C ARG A 425 8.32 -26.39 25.39
N GLU A 426 7.76 -26.66 26.56
CA GLU A 426 8.36 -27.63 27.47
C GLU A 426 8.27 -29.03 26.89
N GLY A 427 9.37 -29.76 26.96
CA GLY A 427 9.39 -31.15 26.58
C GLY A 427 9.89 -31.47 25.19
N CYS A 428 10.61 -30.56 24.53
CA CYS A 428 11.16 -30.87 23.22
C CYS A 428 12.58 -31.43 23.35
N GLY A 429 13.06 -31.99 22.26
CA GLY A 429 14.37 -32.61 22.23
C GLY A 429 15.39 -31.78 21.48
N GLU A 430 14.92 -30.85 20.66
CA GLU A 430 15.78 -29.93 19.93
C GLU A 430 15.29 -28.51 20.15
N TYR A 431 16.19 -27.65 20.63
CA TYR A 431 15.91 -26.24 20.87
C TYR A 431 17.01 -25.39 20.24
N ASP A 432 16.62 -24.38 19.48
CA ASP A 432 17.54 -23.33 19.07
C ASP A 432 17.31 -22.12 19.98
N VAL A 433 18.39 -21.61 20.56
CA VAL A 433 18.33 -20.55 21.55
C VAL A 433 18.74 -19.25 20.89
N ALA A 434 17.98 -18.19 21.18
CA ALA A 434 18.12 -16.90 20.52
C ALA A 434 19.13 -16.05 21.27
N PRO A 435 19.99 -15.33 20.54
CA PRO A 435 21.03 -14.54 21.21
C PRO A 435 20.43 -13.37 21.95
N GLN A 436 21.12 -12.96 23.02
CA GLN A 436 20.77 -11.78 23.82
C GLN A 436 19.43 -11.94 24.53
N VAL A 437 18.40 -12.38 23.80
CA VAL A 437 17.07 -12.50 24.40
C VAL A 437 16.85 -13.84 25.09
N GLY A 438 17.65 -14.85 24.78
CA GLY A 438 17.55 -16.13 25.49
C GLY A 438 16.23 -16.86 25.35
N HIS A 439 15.55 -16.71 24.22
CA HIS A 439 14.29 -17.42 23.97
C HIS A 439 14.59 -18.76 23.29
N ARG A 440 13.99 -19.82 23.82
CA ARG A 440 14.20 -21.17 23.32
C ARG A 440 13.07 -21.55 22.37
N PHE A 441 13.43 -22.02 21.18
CA PHE A 441 12.47 -22.34 20.14
C PHE A 441 12.54 -23.83 19.84
N CYS A 442 11.42 -24.52 20.05
CA CYS A 442 11.36 -25.95 19.76
C CYS A 442 11.47 -26.19 18.26
N LYS A 443 12.24 -27.22 17.88
CA LYS A 443 12.38 -27.64 16.49
C LYS A 443 11.90 -29.06 16.25
N ASP A 444 11.38 -29.74 17.26
CA ASP A 444 10.85 -31.09 17.07
C ASP A 444 9.74 -31.09 16.01
N LEU A 445 8.83 -30.13 16.07
CA LEU A 445 7.75 -30.01 15.11
C LEU A 445 7.81 -28.66 14.43
N PRO A 446 7.64 -28.60 13.10
CA PRO A 446 7.67 -27.29 12.42
C PRO A 446 6.52 -26.42 12.91
N GLY A 447 6.81 -25.12 13.02
CA GLY A 447 5.83 -24.18 13.51
C GLY A 447 4.94 -23.61 12.42
N PHE A 448 3.83 -23.02 12.86
CA PHE A 448 2.86 -22.40 11.96
C PHE A 448 3.54 -21.37 11.06
N ILE A 449 4.04 -20.29 11.64
CA ILE A 449 4.70 -19.26 10.86
C ILE A 449 5.86 -19.81 10.02
N PRO A 450 6.78 -20.63 10.57
CA PRO A 450 7.85 -21.15 9.70
C PRO A 450 7.35 -22.02 8.57
N SER A 451 6.30 -22.83 8.81
CA SER A 451 5.72 -23.64 7.74
C SER A 451 5.18 -22.77 6.61
N LEU A 452 4.40 -21.73 6.95
CA LEU A 452 3.86 -20.85 5.93
C LEU A 452 4.99 -20.20 5.13
N LEU A 453 5.94 -19.57 5.83
CA LEU A 453 7.03 -18.88 5.14
C LEU A 453 7.86 -19.85 4.30
N GLY A 454 8.05 -21.07 4.80
CA GLY A 454 8.79 -22.06 4.03
C GLY A 454 8.09 -22.42 2.73
N ASP A 455 6.80 -22.77 2.82
CA ASP A 455 6.03 -23.05 1.62
C ASP A 455 6.02 -21.86 0.67
N LEU A 456 5.91 -20.65 1.23
CA LEU A 456 5.86 -19.44 0.41
C LEU A 456 7.15 -19.27 -0.40
N LEU A 457 8.29 -19.21 0.29
CA LEU A 457 9.55 -18.97 -0.39
C LEU A 457 9.90 -20.10 -1.35
N GLU A 458 9.44 -21.33 -1.06
CA GLU A 458 9.57 -22.40 -2.04
C GLU A 458 8.84 -22.05 -3.32
N GLU A 459 7.60 -21.55 -3.21
CA GLU A 459 6.83 -21.15 -4.37
C GLU A 459 7.54 -20.06 -5.15
N ARG A 460 8.06 -19.04 -4.45
CA ARG A 460 8.73 -17.94 -5.13
C ARG A 460 9.87 -18.42 -6.01
N GLN A 461 10.66 -19.39 -5.53
CA GLN A 461 11.73 -19.93 -6.35
C GLN A 461 11.17 -20.68 -7.55
N LYS A 462 10.13 -21.50 -7.33
CA LYS A 462 9.45 -22.17 -8.44
C LYS A 462 8.92 -21.15 -9.44
N ILE A 463 8.28 -20.08 -8.94
CA ILE A 463 7.65 -19.08 -9.81
C ILE A 463 8.71 -18.41 -10.69
N LYS A 464 9.83 -18.02 -10.09
CA LYS A 464 10.91 -17.38 -10.86
C LYS A 464 11.41 -18.30 -11.96
N LYS A 465 11.47 -19.60 -11.69
CA LYS A 465 11.98 -20.54 -12.69
C LYS A 465 11.03 -20.63 -13.89
N LYS A 466 9.74 -20.83 -13.63
CA LYS A 466 8.75 -20.84 -14.72
C LYS A 466 8.77 -19.52 -15.49
N MET A 467 8.98 -18.41 -14.78
CA MET A 467 9.04 -17.10 -15.42
C MET A 467 10.14 -17.06 -16.47
N LYS A 468 11.38 -17.38 -16.06
CA LYS A 468 12.51 -17.37 -16.98
C LYS A 468 12.32 -18.35 -18.15
N ALA A 469 11.42 -19.33 -18.02
CA ALA A 469 11.06 -20.23 -19.11
C ALA A 469 9.82 -19.82 -19.87
N THR A 470 8.93 -19.03 -19.25
CA THR A 470 7.70 -18.63 -19.90
C THR A 470 7.98 -17.72 -21.10
N ILE A 471 7.19 -17.88 -22.16
CA ILE A 471 7.39 -17.14 -23.40
C ILE A 471 6.31 -16.08 -23.63
N ASP A 472 5.12 -16.23 -23.08
CA ASP A 472 4.18 -15.14 -23.25
C ASP A 472 4.53 -14.00 -22.30
N PRO A 473 4.85 -12.81 -22.81
CA PRO A 473 5.21 -11.70 -21.91
C PRO A 473 4.16 -11.42 -20.85
N ILE A 474 2.87 -11.54 -21.18
CA ILE A 474 1.81 -11.40 -20.19
C ILE A 474 2.01 -12.42 -19.06
N GLU A 475 1.98 -13.72 -19.42
CA GLU A 475 2.18 -14.78 -18.43
C GLU A 475 3.46 -14.56 -17.62
N ARG A 476 4.57 -14.23 -18.29
CA ARG A 476 5.80 -13.90 -17.58
C ARG A 476 5.56 -12.85 -16.50
N LYS A 477 4.99 -11.70 -16.88
CA LYS A 477 4.78 -10.63 -15.93
C LYS A 477 3.90 -11.07 -14.76
N LEU A 478 2.84 -11.84 -15.05
CA LEU A 478 2.02 -12.41 -13.99
C LEU A 478 2.87 -13.17 -12.98
N LEU A 479 3.76 -14.04 -13.49
CA LEU A 479 4.67 -14.75 -12.60
C LEU A 479 5.58 -13.79 -11.85
N ASP A 480 6.12 -12.78 -12.56
CA ASP A 480 6.98 -11.79 -11.90
C ASP A 480 6.21 -11.05 -10.80
N TYR A 481 4.94 -10.74 -11.05
CA TYR A 481 4.15 -10.09 -10.02
C TYR A 481 4.00 -10.98 -8.79
N ARG A 482 3.80 -12.28 -8.99
CA ARG A 482 3.63 -13.18 -7.85
C ARG A 482 4.90 -13.29 -7.02
N GLN A 483 6.05 -13.47 -7.68
CA GLN A 483 7.30 -13.64 -6.94
C GLN A 483 7.63 -12.40 -6.10
N ARG A 484 7.42 -11.21 -6.65
CA ARG A 484 7.65 -10.00 -5.87
C ARG A 484 6.69 -9.92 -4.69
N LEU A 485 5.40 -10.14 -4.94
CA LEU A 485 4.40 -10.08 -3.88
C LEU A 485 4.64 -11.14 -2.80
N ILE A 486 5.08 -12.33 -3.21
CA ILE A 486 5.40 -13.38 -2.24
C ILE A 486 6.49 -12.89 -1.27
N LYS A 487 7.49 -12.20 -1.80
CA LYS A 487 8.56 -11.69 -0.95
C LYS A 487 8.02 -10.64 0.03
N ILE A 488 7.18 -9.72 -0.45
CA ILE A 488 6.59 -8.71 0.42
C ILE A 488 5.80 -9.37 1.54
N LEU A 489 4.97 -10.36 1.18
CA LEU A 489 4.16 -11.04 2.18
C LEU A 489 5.03 -11.71 3.25
N ALA A 490 6.11 -12.38 2.83
CA ALA A 490 6.96 -13.10 3.78
C ALA A 490 7.51 -12.15 4.84
N ASN A 491 8.16 -11.06 4.41
CA ASN A 491 8.68 -10.08 5.36
C ASN A 491 7.56 -9.42 6.16
N SER A 492 6.37 -9.29 5.56
CA SER A 492 5.24 -8.72 6.27
C SER A 492 4.74 -9.63 7.39
N VAL A 493 4.93 -10.95 7.25
CA VAL A 493 4.52 -11.88 8.31
C VAL A 493 5.34 -11.64 9.57
N TYR A 494 6.61 -11.27 9.43
CA TYR A 494 7.40 -10.89 10.59
C TYR A 494 6.79 -9.68 11.29
N GLY A 495 6.42 -8.66 10.52
CA GLY A 495 5.79 -7.48 11.12
C GLY A 495 4.52 -7.82 11.87
N HIS A 496 3.73 -8.77 11.35
CA HIS A 496 2.56 -9.26 12.07
C HIS A 496 2.92 -9.73 13.47
N MET A 497 4.00 -10.52 13.59
CA MET A 497 4.42 -10.99 14.91
C MET A 497 4.75 -9.84 15.86
N GLY A 498 5.07 -8.65 15.32
CA GLY A 498 5.33 -7.50 16.16
C GLY A 498 4.17 -6.53 16.26
N PHE A 499 3.17 -6.70 15.39
CA PHE A 499 2.00 -5.83 15.41
C PHE A 499 1.15 -6.13 16.65
N GLU A 500 0.86 -5.08 17.41
CA GLU A 500 0.04 -5.24 18.61
C GLU A 500 -1.36 -5.74 18.27
N ASN A 501 -1.97 -5.20 17.21
CA ASN A 501 -3.30 -5.64 16.80
C ASN A 501 -3.32 -7.03 16.20
N ALA A 502 -2.16 -7.59 15.83
CA ALA A 502 -2.12 -8.92 15.24
C ALA A 502 -2.59 -9.98 16.23
N ARG A 503 -3.19 -11.03 15.69
CA ARG A 503 -3.68 -12.14 16.51
C ARG A 503 -2.54 -13.06 16.91
N TRP A 504 -1.60 -13.31 16.00
CA TRP A 504 -0.39 -14.08 16.29
C TRP A 504 0.74 -13.10 16.58
N TYR A 505 0.67 -12.50 17.76
CA TYR A 505 1.65 -11.52 18.22
C TYR A 505 2.53 -12.17 19.29
N CYS A 506 3.81 -12.31 18.98
CA CYS A 506 4.82 -12.87 19.89
C CYS A 506 6.00 -11.92 19.86
N LYS A 507 6.07 -11.02 20.86
CA LYS A 507 7.20 -10.10 20.93
C LYS A 507 8.51 -10.86 21.02
N GLU A 508 8.52 -11.98 21.76
CA GLU A 508 9.71 -12.82 21.87
C GLU A 508 10.22 -13.24 20.49
N CYS A 509 9.32 -13.74 19.65
CA CYS A 509 9.70 -14.12 18.28
C CYS A 509 10.34 -12.95 17.55
N ALA A 510 9.79 -11.74 17.71
CA ALA A 510 10.30 -10.58 17.00
C ALA A 510 11.73 -10.25 17.46
N GLU A 511 11.91 -9.97 18.75
CA GLU A 511 13.24 -9.61 19.25
C GLU A 511 14.25 -10.72 19.03
N SER A 512 13.81 -11.98 19.03
CA SER A 512 14.71 -13.08 18.69
C SER A 512 15.18 -12.97 17.24
N VAL A 513 14.24 -12.74 16.32
CA VAL A 513 14.60 -12.62 14.90
C VAL A 513 15.53 -11.44 14.69
N THR A 514 15.25 -10.30 15.33
CA THR A 514 16.14 -9.14 15.23
C THR A 514 17.51 -9.46 15.79
N ALA A 515 17.57 -10.10 16.95
CA ALA A 515 18.85 -10.41 17.57
C ALA A 515 19.69 -11.34 16.68
N TRP A 516 19.09 -12.44 16.23
CA TRP A 516 19.76 -13.33 15.29
C TRP A 516 20.32 -12.56 14.10
N GLY A 517 19.47 -11.78 13.43
CA GLY A 517 19.92 -11.03 12.28
C GLY A 517 21.07 -10.07 12.60
N ARG A 518 21.00 -9.40 13.74
CA ARG A 518 22.12 -8.57 14.18
C ARG A 518 23.39 -9.41 14.29
N GLU A 519 23.30 -10.56 14.95
CA GLU A 519 24.47 -11.43 15.11
C GLU A 519 25.06 -11.82 13.75
N TYR A 520 24.21 -12.33 12.85
CA TYR A 520 24.71 -12.81 11.56
C TYR A 520 25.38 -11.69 10.77
N LEU A 521 24.80 -10.50 10.78
CA LEU A 521 25.40 -9.38 10.08
C LEU A 521 26.74 -9.00 10.70
N THR A 522 26.78 -8.90 12.04
CA THR A 522 28.01 -8.51 12.72
C THR A 522 29.15 -9.47 12.40
N MET A 523 28.91 -10.77 12.53
CA MET A 523 29.95 -11.75 12.21
C MET A 523 30.43 -11.59 10.77
N THR A 524 29.50 -11.45 9.82
CA THR A 524 29.86 -11.21 8.43
C THR A 524 30.77 -10.00 8.29
N ILE A 525 30.46 -8.91 9.00
CA ILE A 525 31.30 -7.72 8.98
C ILE A 525 32.70 -8.05 9.49
N LYS A 526 32.79 -8.64 10.68
CA LYS A 526 34.07 -9.01 11.26
C LYS A 526 34.89 -9.88 10.32
N GLU A 527 34.25 -10.87 9.68
CA GLU A 527 34.98 -11.81 8.85
C GLU A 527 35.47 -11.16 7.56
N ILE A 528 34.61 -10.41 6.87
CA ILE A 528 35.01 -9.79 5.61
C ILE A 528 36.13 -8.77 5.80
N GLU A 529 36.29 -8.23 7.01
CA GLU A 529 37.38 -7.32 7.29
C GLU A 529 38.62 -8.06 7.81
N GLU A 530 38.46 -8.83 8.87
CA GLU A 530 39.61 -9.48 9.51
C GLU A 530 40.20 -10.55 8.61
N LYS A 531 39.36 -11.42 8.04
CA LYS A 531 39.85 -12.58 7.30
C LYS A 531 40.09 -12.30 5.82
N TYR A 532 39.41 -11.32 5.23
CA TYR A 532 39.53 -11.04 3.80
C TYR A 532 39.99 -9.62 3.49
N GLY A 533 40.13 -8.75 4.49
CA GLY A 533 40.65 -7.42 4.23
C GLY A 533 39.71 -6.54 3.44
N PHE A 534 38.62 -6.12 4.07
CA PHE A 534 37.70 -5.15 3.52
C PHE A 534 37.42 -4.08 4.57
N LYS A 535 36.87 -2.96 4.12
CA LYS A 535 36.41 -1.89 5.01
C LYS A 535 34.92 -1.70 4.79
N VAL A 536 34.13 -1.98 5.82
CA VAL A 536 32.68 -1.84 5.75
C VAL A 536 32.33 -0.37 5.92
N ILE A 537 31.81 0.24 4.86
CA ILE A 537 31.50 1.67 4.91
C ILE A 537 30.15 1.91 5.56
N TYR A 538 29.17 1.05 5.28
CA TYR A 538 27.82 1.27 5.80
C TYR A 538 27.05 -0.05 5.76
N SER A 539 26.15 -0.19 6.74
CA SER A 539 25.30 -1.37 6.86
C SER A 539 24.03 -0.96 7.60
N ASP A 540 22.88 -1.42 7.13
CA ASP A 540 21.60 -1.02 7.70
C ASP A 540 20.96 -2.12 8.53
N THR A 541 20.68 -3.28 7.93
CA THR A 541 19.98 -4.34 8.66
C THR A 541 20.18 -5.71 8.01
N ASP A 542 20.22 -5.75 6.67
CA ASP A 542 20.30 -7.01 5.95
C ASP A 542 21.48 -7.04 4.97
N GLY A 543 22.35 -6.04 5.01
CA GLY A 543 23.47 -6.01 4.08
C GLY A 543 24.46 -4.94 4.47
N PHE A 544 25.47 -4.76 3.61
CA PHE A 544 26.51 -3.79 3.87
C PHE A 544 27.25 -3.45 2.58
N PHE A 545 27.76 -2.23 2.53
CA PHE A 545 28.67 -1.76 1.49
C PHE A 545 30.10 -1.86 2.01
N ALA A 546 31.02 -2.20 1.13
CA ALA A 546 32.42 -2.37 1.53
C ALA A 546 33.31 -2.35 0.30
N THR A 547 34.60 -2.19 0.56
CA THR A 547 35.64 -2.28 -0.44
C THR A 547 36.95 -2.55 0.27
N ILE A 548 37.99 -2.81 -0.50
CA ILE A 548 39.36 -2.92 -0.01
C ILE A 548 40.03 -1.58 -0.22
N PRO A 549 40.64 -0.98 0.82
CA PRO A 549 41.31 0.32 0.65
C PRO A 549 42.34 0.33 -0.47
N GLY A 550 42.18 1.23 -1.43
CA GLY A 550 43.03 1.26 -2.61
C GLY A 550 43.09 -0.05 -3.36
N ALA A 551 41.94 -0.48 -3.90
CA ALA A 551 41.83 -1.77 -4.55
C ALA A 551 41.54 -1.63 -6.03
N ASP A 552 42.03 -2.59 -6.80
CA ASP A 552 41.65 -2.71 -8.19
C ASP A 552 40.20 -3.17 -8.29
N ALA A 553 39.45 -2.56 -9.22
CA ALA A 553 38.03 -2.83 -9.34
C ALA A 553 37.76 -4.33 -9.50
N GLU A 554 38.33 -4.94 -10.55
CA GLU A 554 38.19 -6.38 -10.75
C GLU A 554 38.67 -7.19 -9.54
N THR A 555 39.70 -6.70 -8.83
CA THR A 555 40.18 -7.38 -7.63
C THR A 555 39.08 -7.45 -6.56
N VAL A 556 38.41 -6.33 -6.29
CA VAL A 556 37.34 -6.32 -5.30
C VAL A 556 36.29 -7.35 -5.66
N LYS A 557 35.87 -7.38 -6.93
CA LYS A 557 34.84 -8.32 -7.36
C LYS A 557 35.24 -9.76 -7.09
N LYS A 558 36.45 -10.16 -7.51
CA LYS A 558 36.87 -11.54 -7.35
C LYS A 558 37.01 -11.92 -5.88
N LYS A 559 37.77 -11.12 -5.12
CA LYS A 559 37.90 -11.37 -3.68
C LYS A 559 36.54 -11.36 -2.97
N ALA A 560 35.60 -10.53 -3.45
CA ALA A 560 34.26 -10.55 -2.86
C ALA A 560 33.60 -11.90 -3.02
N MET A 561 33.67 -12.48 -4.24
CA MET A 561 33.08 -13.78 -4.49
C MET A 561 33.60 -14.83 -3.52
N GLU A 562 34.90 -14.77 -3.20
CA GLU A 562 35.50 -15.74 -2.29
C GLU A 562 34.87 -15.64 -0.90
N PHE A 563 34.70 -14.42 -0.39
CA PHE A 563 34.10 -14.27 0.93
C PHE A 563 32.67 -14.81 0.97
N LEU A 564 31.93 -14.69 -0.13
CA LEU A 564 30.58 -15.25 -0.17
C LEU A 564 30.61 -16.74 0.13
N LYS A 565 31.47 -17.48 -0.55
CA LYS A 565 31.54 -18.93 -0.34
C LYS A 565 31.96 -19.25 1.09
N TYR A 566 33.05 -18.63 1.57
CA TYR A 566 33.50 -18.87 2.94
C TYR A 566 32.39 -18.61 3.94
N ILE A 567 31.73 -17.45 3.84
CA ILE A 567 30.74 -17.07 4.85
C ILE A 567 29.49 -17.94 4.73
N ASN A 568 29.10 -18.35 3.52
CA ASN A 568 27.87 -19.12 3.35
C ASN A 568 27.97 -20.48 4.04
N ALA A 569 29.11 -21.15 3.92
CA ALA A 569 29.31 -22.41 4.64
C ALA A 569 29.15 -22.19 6.14
N LYS A 570 29.77 -21.13 6.68
CA LYS A 570 29.62 -20.80 8.09
C LYS A 570 28.21 -20.30 8.42
N LEU A 571 27.47 -19.81 7.42
CA LEU A 571 26.11 -19.34 7.66
C LEU A 571 25.15 -20.52 7.80
N PRO A 572 24.37 -20.59 8.88
CA PRO A 572 23.48 -21.74 9.08
C PRO A 572 22.26 -21.70 8.17
N GLY A 573 21.76 -22.90 7.86
CA GLY A 573 20.49 -23.03 7.16
C GLY A 573 20.47 -22.31 5.83
N ALA A 574 19.31 -21.70 5.54
CA ALA A 574 19.12 -20.96 4.29
C ALA A 574 19.62 -19.53 4.35
N LEU A 575 20.09 -19.07 5.53
CA LEU A 575 20.70 -17.76 5.64
C LEU A 575 21.89 -17.65 4.71
N GLU A 576 21.73 -16.91 3.62
CA GLU A 576 22.77 -16.72 2.62
C GLU A 576 23.03 -15.23 2.42
N LEU A 577 24.25 -14.93 2.00
CA LEU A 577 24.65 -13.61 1.58
C LEU A 577 24.99 -13.65 0.09
N GLU A 578 24.66 -12.57 -0.62
CA GLU A 578 24.79 -12.55 -2.07
C GLU A 578 25.31 -11.20 -2.55
N TYR A 579 25.71 -11.18 -3.82
CA TYR A 579 26.41 -10.08 -4.47
C TYR A 579 25.38 -9.28 -5.26
N GLU A 580 24.95 -8.15 -4.70
CA GLU A 580 23.91 -7.35 -5.36
C GLU A 580 24.47 -6.63 -6.58
N GLY A 581 25.63 -5.99 -6.43
CA GLY A 581 26.23 -5.29 -7.55
C GLY A 581 27.50 -4.58 -7.13
N PHE A 582 28.20 -4.07 -8.15
CA PHE A 582 29.40 -3.28 -7.98
C PHE A 582 29.13 -1.86 -8.45
N TYR A 583 29.65 -0.89 -7.71
CA TYR A 583 29.47 0.53 -8.02
C TYR A 583 30.84 1.20 -8.04
N LYS A 584 31.13 1.90 -9.15
CA LYS A 584 32.41 2.56 -9.30
C LYS A 584 32.70 3.48 -8.12
N ARG A 585 31.74 4.32 -7.77
CA ARG A 585 31.93 5.23 -6.65
C ARG A 585 30.61 5.41 -5.92
N GLY A 586 30.70 5.91 -4.69
CA GLY A 586 29.52 6.17 -3.88
C GLY A 586 29.78 7.13 -2.73
N PHE A 587 28.86 8.07 -2.52
CA PHE A 587 28.92 9.00 -1.41
C PHE A 587 27.94 8.56 -0.32
N PHE A 588 28.42 8.58 0.93
CA PHE A 588 27.62 8.23 2.11
C PHE A 588 27.59 9.45 3.02
N VAL A 589 26.41 10.06 3.16
CA VAL A 589 26.24 11.25 3.98
C VAL A 589 26.07 10.84 5.44
N THR A 590 24.94 10.21 5.75
CA THR A 590 24.65 9.77 7.11
C THR A 590 23.88 8.46 7.02
N LYS A 591 23.45 7.97 8.18
CA LYS A 591 22.60 6.78 8.21
C LYS A 591 21.37 7.00 7.34
N LYS A 592 21.03 5.99 6.54
CA LYS A 592 19.85 5.96 5.68
C LYS A 592 19.93 6.94 4.51
N LYS A 593 21.13 7.43 4.17
CA LYS A 593 21.29 8.41 3.08
C LYS A 593 22.57 8.13 2.33
N TYR A 594 22.47 7.89 1.03
CA TYR A 594 23.64 7.63 0.18
C TYR A 594 23.19 7.64 -1.29
N ALA A 595 24.17 7.47 -2.17
CA ALA A 595 23.95 7.38 -3.62
C ALA A 595 25.17 6.75 -4.26
N VAL A 596 24.93 5.81 -5.18
CA VAL A 596 25.99 5.07 -5.85
C VAL A 596 25.67 5.00 -7.33
N ILE A 597 26.70 4.75 -8.14
CA ILE A 597 26.61 4.74 -9.60
C ILE A 597 27.11 3.39 -10.09
N ASP A 598 26.31 2.73 -10.93
CA ASP A 598 26.75 1.49 -11.54
C ASP A 598 27.75 1.79 -12.66
N GLU A 599 28.46 0.75 -13.11
CA GLU A 599 29.51 0.96 -14.10
C GLU A 599 28.95 1.48 -15.42
N GLU A 600 27.69 1.17 -15.73
CA GLU A 600 27.06 1.80 -16.89
C GLU A 600 26.94 3.31 -16.70
N GLY A 601 26.50 3.74 -15.52
CA GLY A 601 26.31 5.15 -15.26
C GLY A 601 25.03 5.47 -14.52
N LYS A 602 24.27 4.43 -14.16
CA LYS A 602 23.01 4.62 -13.46
C LYS A 602 23.26 4.91 -11.98
N ILE A 603 22.71 6.02 -11.50
CA ILE A 603 22.85 6.44 -10.11
C ILE A 603 21.62 6.00 -9.34
N THR A 604 21.84 5.39 -8.17
CA THR A 604 20.77 5.01 -7.26
C THR A 604 20.89 5.87 -6.01
N THR A 605 19.90 6.72 -5.79
CA THR A 605 19.86 7.62 -4.64
C THR A 605 18.86 7.10 -3.62
N ARG A 606 19.24 7.14 -2.35
CA ARG A 606 18.38 6.67 -1.27
C ARG A 606 18.54 7.56 -0.05
N GLY A 607 17.40 7.94 0.55
CA GLY A 607 17.38 8.76 1.74
C GLY A 607 17.72 10.21 1.50
N LEU A 608 18.65 10.47 0.58
CA LEU A 608 19.01 11.85 0.26
C LEU A 608 17.78 12.65 -0.14
N GLU A 609 17.84 13.96 0.12
CA GLU A 609 16.70 14.84 -0.12
C GLU A 609 16.18 14.79 -1.54
N ILE A 610 17.01 14.36 -2.51
CA ILE A 610 16.56 14.20 -3.88
C ILE A 610 15.34 13.29 -4.00
N VAL A 611 15.12 12.38 -3.05
CA VAL A 611 13.99 11.45 -3.12
C VAL A 611 12.81 11.89 -2.26
N ARG A 612 12.99 12.87 -1.39
CA ARG A 612 11.93 13.32 -0.50
C ARG A 612 10.87 14.11 -1.27
N ARG A 613 9.63 14.00 -0.82
CA ARG A 613 8.52 14.76 -1.38
C ARG A 613 8.32 16.12 -0.73
N ASP A 614 8.75 16.29 0.54
CA ASP A 614 8.60 17.53 1.30
C ASP A 614 9.71 18.54 1.01
N TRP A 615 10.28 18.52 -0.19
CA TRP A 615 11.39 19.40 -0.54
C TRP A 615 11.16 20.02 -1.91
N SER A 616 11.53 21.30 -2.04
CA SER A 616 11.39 21.99 -3.32
C SER A 616 12.13 21.25 -4.43
N GLU A 617 11.52 21.22 -5.62
CA GLU A 617 12.18 20.58 -6.76
C GLU A 617 13.50 21.25 -7.08
N ILE A 618 13.64 22.53 -6.78
CA ILE A 618 14.89 23.24 -7.05
C ILE A 618 16.02 22.69 -6.19
N ALA A 619 15.73 22.37 -4.92
CA ALA A 619 16.75 21.75 -4.08
C ALA A 619 17.05 20.34 -4.55
N LYS A 620 16.02 19.55 -4.84
CA LYS A 620 16.21 18.18 -5.30
C LYS A 620 16.99 18.14 -6.62
N GLU A 621 16.57 18.95 -7.59
CA GLU A 621 17.31 19.03 -8.84
C GLU A 621 18.77 19.39 -8.60
N THR A 622 19.01 20.43 -7.79
CA THR A 622 20.38 20.90 -7.54
C THR A 622 21.22 19.81 -6.88
N GLN A 623 20.71 19.22 -5.79
CA GLN A 623 21.42 18.14 -5.13
C GLN A 623 21.71 17.00 -6.11
N ALA A 624 20.74 16.66 -6.96
CA ALA A 624 20.97 15.63 -7.97
C ALA A 624 22.12 16.01 -8.90
N ARG A 625 22.10 17.23 -9.44
CA ARG A 625 23.15 17.66 -10.36
C ARG A 625 24.52 17.58 -9.71
N VAL A 626 24.63 18.04 -8.46
CA VAL A 626 25.88 17.88 -7.71
C VAL A 626 26.27 16.41 -7.63
N LEU A 627 25.30 15.54 -7.30
CA LEU A 627 25.59 14.11 -7.17
C LEU A 627 26.07 13.52 -8.50
N GLU A 628 25.43 13.89 -9.60
CA GLU A 628 25.88 13.43 -10.92
C GLU A 628 27.33 13.83 -11.18
N ALA A 629 27.64 15.13 -11.05
CA ALA A 629 28.99 15.60 -11.33
C ALA A 629 30.04 14.84 -10.51
N LEU A 630 29.75 14.58 -9.23
CA LEU A 630 30.73 13.91 -8.38
C LEU A 630 30.81 12.43 -8.69
N LEU A 631 29.66 11.74 -8.72
CA LEU A 631 29.63 10.29 -8.91
C LEU A 631 29.88 9.86 -10.36
N LYS A 632 29.80 10.77 -11.33
CA LYS A 632 30.04 10.44 -12.72
C LYS A 632 31.39 10.91 -13.23
N ASP A 633 31.77 12.15 -12.93
CA ASP A 633 33.01 12.72 -13.43
C ASP A 633 33.89 13.33 -12.35
N GLY A 634 33.41 13.42 -11.11
CA GLY A 634 34.20 14.01 -10.05
C GLY A 634 34.54 15.47 -10.25
N ASP A 635 33.77 16.17 -11.10
CA ASP A 635 34.01 17.58 -11.37
C ASP A 635 33.40 18.40 -10.23
N VAL A 636 34.05 18.29 -9.06
CA VAL A 636 33.65 19.07 -7.89
C VAL A 636 33.62 20.55 -8.23
N GLU A 637 34.50 20.99 -9.14
CA GLU A 637 34.45 22.36 -9.63
C GLU A 637 33.13 22.67 -10.31
N LYS A 638 32.64 21.75 -11.15
CA LYS A 638 31.32 21.93 -11.74
C LYS A 638 30.24 21.93 -10.67
N ALA A 639 30.39 21.09 -9.64
CA ALA A 639 29.37 20.99 -8.60
C ALA A 639 29.15 22.35 -7.92
N VAL A 640 30.22 22.97 -7.43
CA VAL A 640 30.10 24.29 -6.82
C VAL A 640 29.67 25.33 -7.87
N ARG A 641 30.09 25.15 -9.12
CA ARG A 641 29.61 26.02 -10.19
C ARG A 641 28.10 25.96 -10.31
N ILE A 642 27.53 24.75 -10.32
CA ILE A 642 26.08 24.58 -10.42
C ILE A 642 25.38 25.28 -9.26
N VAL A 643 25.89 25.08 -8.04
CA VAL A 643 25.28 25.70 -6.85
C VAL A 643 25.24 27.22 -7.01
N LYS A 644 26.35 27.81 -7.46
CA LYS A 644 26.40 29.27 -7.62
C LYS A 644 25.41 29.75 -8.68
N GLU A 645 25.35 29.07 -9.82
CA GLU A 645 24.40 29.45 -10.86
C GLU A 645 22.97 29.44 -10.35
N VAL A 646 22.59 28.36 -9.64
CA VAL A 646 21.22 28.24 -9.12
C VAL A 646 20.94 29.34 -8.10
N THR A 647 21.88 29.55 -7.17
CA THR A 647 21.68 30.58 -6.14
C THR A 647 21.52 31.96 -6.76
N GLU A 648 22.30 32.27 -7.80
CA GLU A 648 22.16 33.56 -8.48
C GLU A 648 20.79 33.68 -9.14
N LYS A 649 20.33 32.62 -9.81
CA LYS A 649 19.00 32.66 -10.42
C LYS A 649 17.92 32.91 -9.37
N LEU A 650 17.99 32.23 -8.23
CA LEU A 650 17.05 32.49 -7.15
C LEU A 650 17.17 33.91 -6.62
N SER A 651 18.39 34.46 -6.59
CA SER A 651 18.57 35.84 -6.15
C SER A 651 17.88 36.80 -7.12
N LYS A 652 18.07 36.58 -8.41
CA LYS A 652 17.44 37.39 -9.44
C LYS A 652 15.99 36.99 -9.71
N TYR A 653 15.44 36.06 -8.93
CA TYR A 653 14.03 35.66 -9.02
C TYR A 653 13.67 35.10 -10.40
N GLU A 654 14.65 34.48 -11.07
CA GLU A 654 14.44 33.92 -12.41
C GLU A 654 14.10 32.43 -12.39
N VAL A 655 13.93 31.84 -11.22
CA VAL A 655 13.63 30.42 -11.11
C VAL A 655 12.12 30.24 -11.18
N PRO A 656 11.62 29.32 -12.02
CA PRO A 656 10.18 29.07 -12.09
C PRO A 656 9.60 28.77 -10.72
N PRO A 657 8.50 29.44 -10.36
CA PRO A 657 7.96 29.26 -9.00
C PRO A 657 7.50 27.85 -8.67
N GLU A 658 7.07 27.08 -9.68
CA GLU A 658 6.64 25.69 -9.45
C GLU A 658 7.73 24.84 -8.81
N LYS A 659 9.00 25.18 -9.02
CA LYS A 659 10.11 24.46 -8.40
C LYS A 659 10.33 24.83 -6.94
N LEU A 660 9.52 25.73 -6.39
CA LEU A 660 9.68 26.20 -5.01
C LEU A 660 8.51 25.79 -4.12
N VAL A 661 7.75 24.79 -4.53
CA VAL A 661 6.60 24.32 -3.76
C VAL A 661 7.03 23.18 -2.85
N ILE A 662 6.59 23.25 -1.59
CA ILE A 662 6.84 22.21 -0.60
C ILE A 662 5.54 21.45 -0.38
N HIS A 663 5.59 20.13 -0.50
CA HIS A 663 4.42 19.26 -0.40
C HIS A 663 4.48 18.50 0.92
N LYS A 664 3.56 18.80 1.82
CA LYS A 664 3.40 18.06 3.07
C LYS A 664 1.95 17.64 3.23
N GLN A 665 1.75 16.63 4.07
CA GLN A 665 0.46 15.99 4.25
C GLN A 665 -0.05 16.19 5.67
N ILE A 666 -1.35 16.44 5.79
CA ILE A 666 -2.02 16.50 7.08
C ILE A 666 -2.37 15.08 7.51
N THR A 667 -1.83 14.66 8.66
CA THR A 667 -1.94 13.27 9.10
C THR A 667 -2.99 13.06 10.20
N ARG A 668 -3.74 14.09 10.56
CA ARG A 668 -4.74 13.97 11.61
C ARG A 668 -5.70 15.15 11.52
N ASP A 669 -6.73 15.14 12.36
CA ASP A 669 -7.63 16.28 12.47
C ASP A 669 -6.85 17.49 12.98
N LEU A 670 -6.88 18.58 12.21
CA LEU A 670 -6.15 19.80 12.57
C LEU A 670 -6.50 20.28 13.96
N LYS A 671 -7.71 19.95 14.44
CA LYS A 671 -8.08 20.25 15.82
C LYS A 671 -7.09 19.67 16.82
N ASP A 672 -6.54 18.49 16.54
CA ASP A 672 -5.70 17.76 17.49
C ASP A 672 -4.22 18.00 17.29
N TYR A 673 -3.82 18.85 16.33
CA TYR A 673 -2.42 19.19 16.18
C TYR A 673 -1.93 19.96 17.39
N LYS A 674 -0.66 19.73 17.75
CA LYS A 674 -0.03 20.40 18.87
C LYS A 674 1.14 21.28 18.47
N ALA A 675 1.55 21.25 17.20
CA ALA A 675 2.65 22.07 16.69
C ALA A 675 2.23 22.60 15.32
N THR A 676 1.63 23.79 15.31
CA THR A 676 1.14 24.38 14.06
C THR A 676 2.34 24.88 13.25
N GLY A 677 2.95 23.96 12.51
CA GLY A 677 4.01 24.28 11.59
C GLY A 677 3.49 24.96 10.34
N PRO A 678 4.35 25.15 9.34
CA PRO A 678 3.91 25.91 8.15
C PRO A 678 2.74 25.28 7.41
N HIS A 679 2.79 23.96 7.15
CA HIS A 679 1.78 23.34 6.30
C HIS A 679 0.41 23.29 6.98
N VAL A 680 0.37 22.88 8.25
CA VAL A 680 -0.89 22.85 8.98
C VAL A 680 -1.43 24.27 9.20
N ALA A 681 -0.53 25.26 9.31
CA ALA A 681 -0.99 26.64 9.42
C ALA A 681 -1.70 27.08 8.14
N VAL A 682 -1.07 26.87 6.98
CA VAL A 682 -1.69 27.16 5.69
C VAL A 682 -3.06 26.49 5.58
N ALA A 683 -3.14 25.21 5.99
CA ALA A 683 -4.40 24.49 5.89
C ALA A 683 -5.44 25.02 6.88
N LYS A 684 -5.01 25.35 8.10
CA LYS A 684 -5.92 25.92 9.09
C LYS A 684 -6.58 27.19 8.55
N ARG A 685 -5.82 28.05 7.91
CA ARG A 685 -6.40 29.22 7.25
C ARG A 685 -7.38 28.78 6.17
N LEU A 686 -6.98 27.81 5.35
CA LEU A 686 -7.88 27.26 4.33
C LEU A 686 -9.12 26.64 4.97
N ALA A 687 -8.96 26.05 6.15
CA ALA A 687 -10.10 25.47 6.85
C ALA A 687 -11.15 26.52 7.19
N ALA A 688 -10.70 27.63 7.80
CA ALA A 688 -11.62 28.72 8.12
C ALA A 688 -12.24 29.31 6.85
N ARG A 689 -11.46 29.40 5.78
CA ARG A 689 -11.99 29.85 4.49
C ARG A 689 -13.06 28.92 3.93
N GLY A 690 -13.21 27.71 4.47
CA GLY A 690 -14.24 26.82 3.99
C GLY A 690 -13.72 25.45 3.60
N VAL A 691 -12.49 25.40 3.08
CA VAL A 691 -11.93 24.15 2.59
C VAL A 691 -11.77 23.16 3.74
N LYS A 692 -12.22 21.93 3.52
CA LYS A 692 -12.15 20.89 4.54
C LYS A 692 -10.82 20.16 4.40
N ILE A 693 -9.91 20.39 5.34
CA ILE A 693 -8.64 19.68 5.40
C ILE A 693 -8.84 18.45 6.26
N ARG A 694 -8.76 17.27 5.65
CA ARG A 694 -8.94 16.00 6.33
C ARG A 694 -7.67 15.17 6.25
N PRO A 695 -7.53 14.14 7.11
CA PRO A 695 -6.37 13.25 7.04
C PRO A 695 -6.06 12.77 5.64
N GLY A 696 -4.82 12.96 5.17
CA GLY A 696 -4.43 12.64 3.82
C GLY A 696 -4.36 13.83 2.88
N THR A 697 -4.95 14.97 3.24
CA THR A 697 -4.88 16.15 2.40
C THR A 697 -3.42 16.59 2.23
N VAL A 698 -2.99 16.69 0.97
CA VAL A 698 -1.64 17.13 0.63
C VAL A 698 -1.67 18.64 0.44
N ILE A 699 -0.91 19.36 1.27
CA ILE A 699 -0.81 20.81 1.20
C ILE A 699 0.38 21.17 0.32
N SER A 700 0.16 22.10 -0.62
CA SER A 700 1.20 22.57 -1.53
C SER A 700 1.34 24.07 -1.30
N TYR A 701 2.41 24.47 -0.61
CA TYR A 701 2.61 25.87 -0.25
C TYR A 701 3.93 26.39 -0.80
N ILE A 702 4.01 27.71 -0.89
CA ILE A 702 5.21 28.44 -1.28
C ILE A 702 5.43 29.52 -0.23
N VAL A 703 6.68 29.97 -0.11
CA VAL A 703 7.07 31.00 0.84
C VAL A 703 7.28 32.29 0.06
N LEU A 704 6.50 33.32 0.40
CA LEU A 704 6.61 34.62 -0.23
C LEU A 704 7.65 35.48 0.48
N LYS A 705 8.26 36.39 -0.28
CA LYS A 705 9.27 37.28 0.29
C LYS A 705 8.70 38.06 1.47
N GLY A 706 9.36 37.94 2.62
CA GLY A 706 8.92 38.60 3.84
C GLY A 706 9.79 38.23 5.03
N SER A 707 9.21 38.30 6.23
CA SER A 707 9.97 38.04 7.44
C SER A 707 9.06 37.42 8.49
N GLY A 708 9.68 36.87 9.53
CA GLY A 708 8.94 36.29 10.63
C GLY A 708 8.73 34.80 10.47
N ARG A 709 7.76 34.30 11.24
CA ARG A 709 7.39 32.89 11.20
C ARG A 709 7.12 32.45 9.76
N ILE A 710 7.71 31.31 9.39
CA ILE A 710 7.53 30.78 8.04
C ILE A 710 6.05 30.52 7.76
N GLY A 711 5.32 30.07 8.78
CA GLY A 711 3.91 29.73 8.57
C GLY A 711 3.07 30.92 8.16
N ASP A 712 3.14 32.01 8.92
CA ASP A 712 2.35 33.21 8.64
C ASP A 712 2.96 34.00 7.48
N ARG A 713 3.30 33.30 6.40
CA ARG A 713 3.98 33.91 5.26
C ARG A 713 3.90 32.97 4.05
N ALA A 714 3.37 31.78 4.26
CA ALA A 714 3.23 30.79 3.19
C ALA A 714 1.80 30.77 2.68
N ILE A 715 1.66 30.69 1.36
CA ILE A 715 0.36 30.62 0.71
C ILE A 715 0.27 29.31 -0.08
N PRO A 716 -0.91 28.73 -0.23
CA PRO A 716 -1.03 27.58 -1.15
C PRO A 716 -0.75 28.04 -2.57
N PHE A 717 -0.10 27.17 -3.34
CA PHE A 717 0.34 27.56 -4.68
C PHE A 717 -0.84 27.85 -5.61
N ASP A 718 -2.03 27.32 -5.31
CA ASP A 718 -3.22 27.69 -6.07
C ASP A 718 -3.59 29.16 -5.88
N GLU A 719 -3.04 29.82 -4.85
CA GLU A 719 -3.30 31.22 -4.57
C GLU A 719 -2.10 32.11 -4.88
N PHE A 720 -1.20 31.65 -5.74
CA PHE A 720 0.00 32.39 -6.10
C PHE A 720 -0.22 33.09 -7.44
N ASP A 721 -0.04 34.41 -7.46
CA ASP A 721 -0.07 35.20 -8.68
C ASP A 721 1.34 35.73 -8.93
N PRO A 722 2.00 35.33 -10.01
CA PRO A 722 3.35 35.86 -10.29
C PRO A 722 3.36 37.36 -10.48
N THR A 723 2.22 37.97 -10.82
CA THR A 723 2.11 39.42 -10.95
C THR A 723 1.93 40.13 -9.61
N LYS A 724 1.47 39.42 -8.57
CA LYS A 724 1.16 40.03 -7.28
C LYS A 724 1.92 39.40 -6.13
N HIS A 725 2.91 38.55 -6.40
CA HIS A 725 3.62 37.85 -5.33
C HIS A 725 5.08 37.64 -5.71
N ARG A 726 5.91 37.47 -4.68
CA ARG A 726 7.34 37.27 -4.81
C ARG A 726 7.78 36.28 -3.75
N TYR A 727 8.57 35.29 -4.14
CA TYR A 727 8.95 34.24 -3.21
C TYR A 727 10.19 34.61 -2.41
N ASP A 728 10.27 34.10 -1.18
CA ASP A 728 11.39 34.36 -0.28
C ASP A 728 12.57 33.52 -0.74
N ALA A 729 13.31 34.08 -1.72
CA ALA A 729 14.49 33.41 -2.25
C ALA A 729 15.48 33.06 -1.14
N GLU A 730 15.59 33.92 -0.14
CA GLU A 730 16.47 33.65 1.00
C GLU A 730 16.14 32.31 1.64
N TYR A 731 14.87 32.09 1.97
CA TYR A 731 14.43 30.80 2.48
C TYR A 731 14.82 29.68 1.53
N TYR A 732 14.50 29.84 0.25
CA TYR A 732 14.80 28.78 -0.72
C TYR A 732 16.28 28.68 -1.05
N ILE A 733 17.12 29.56 -0.52
CA ILE A 733 18.56 29.46 -0.63
C ILE A 733 19.19 29.06 0.69
N GLU A 734 18.88 29.79 1.77
CA GLU A 734 19.48 29.54 3.07
C GLU A 734 18.71 28.53 3.91
N LYS A 735 17.63 27.94 3.38
CA LYS A 735 16.90 26.90 4.09
C LYS A 735 16.50 25.73 3.20
N GLN A 736 16.80 25.76 1.90
CA GLN A 736 16.43 24.68 1.01
C GLN A 736 17.64 24.14 0.24
N VAL A 737 18.14 24.92 -0.72
CA VAL A 737 19.20 24.43 -1.61
C VAL A 737 20.50 24.25 -0.85
N LEU A 738 21.03 25.35 -0.29
CA LEU A 738 22.31 25.29 0.40
C LEU A 738 22.36 24.29 1.54
N PRO A 739 21.41 24.25 2.49
CA PRO A 739 21.51 23.28 3.58
C PRO A 739 21.43 21.82 3.14
N ALA A 740 21.26 21.54 1.84
CA ALA A 740 21.29 20.20 1.31
C ALA A 740 22.56 19.89 0.55
N VAL A 741 22.93 20.74 -0.43
CA VAL A 741 24.15 20.52 -1.18
C VAL A 741 25.39 20.71 -0.32
N GLU A 742 25.28 21.44 0.78
CA GLU A 742 26.41 21.59 1.70
C GLU A 742 26.76 20.26 2.34
N ARG A 743 25.74 19.54 2.84
CA ARG A 743 25.97 18.26 3.52
C ARG A 743 26.82 17.32 2.67
N ILE A 744 26.78 17.47 1.36
CA ILE A 744 27.58 16.64 0.47
C ILE A 744 28.94 17.25 0.21
N LEU A 745 28.98 18.54 -0.11
CA LEU A 745 30.23 19.21 -0.43
C LEU A 745 31.06 19.55 0.80
N ARG A 746 30.52 19.39 2.00
CA ARG A 746 31.32 19.57 3.21
C ARG A 746 32.47 18.58 3.26
N ALA A 747 32.31 17.41 2.63
CA ALA A 747 33.36 16.40 2.65
C ALA A 747 34.60 16.87 1.91
N PHE A 748 34.45 17.83 1.00
CA PHE A 748 35.55 18.28 0.17
C PHE A 748 36.09 19.64 0.60
N GLY A 749 35.63 20.16 1.73
CA GLY A 749 36.14 21.39 2.30
C GLY A 749 35.29 22.62 2.05
N TYR A 750 34.34 22.55 1.13
CA TYR A 750 33.54 23.72 0.79
C TYR A 750 32.53 24.02 1.90
N ARG A 751 32.36 25.31 2.20
CA ARG A 751 31.39 25.78 3.17
C ARG A 751 30.28 26.54 2.46
N LYS A 752 29.17 26.76 3.19
CA LYS A 752 28.02 27.44 2.61
C LYS A 752 28.40 28.79 2.01
N GLU A 753 29.27 29.54 2.69
CA GLU A 753 29.72 30.83 2.19
C GLU A 753 30.45 30.66 0.86
N ASP A 754 31.21 29.59 0.71
CA ASP A 754 31.93 29.26 -0.52
C ASP A 754 31.00 28.82 -1.65
N LEU A 755 29.69 28.95 -1.51
CA LEU A 755 28.74 28.51 -2.53
C LEU A 755 27.87 29.61 -3.07
N ARG A 756 28.08 30.86 -2.63
CA ARG A 756 27.30 32.01 -3.08
C ARG A 756 25.79 31.83 -2.84
P 6HT C 4 3.39 -1.07 14.00
OP1 6HT C 4 2.30 -0.23 14.72
O5' 6HT C 4 4.08 -2.13 15.06
C5' 6HT C 4 4.41 -3.41 14.58
C4' 6HT C 4 5.87 -3.63 14.55
O4' 6HT C 4 6.25 -4.03 13.20
C3' 6HT C 4 6.64 -2.33 15.04
O3' 6HT C 4 7.64 -2.71 16.02
C2' 6HT C 4 7.31 -1.63 13.98
C1' 6HT C 4 8.21 -2.46 13.17
C6' 6HT C 4 7.68 -3.94 13.01
N1 6HT C 4 8.31 -1.86 11.80
C2 6HT C 4 9.54 -1.95 11.05
O2 6HT C 4 10.47 -2.49 11.51
N3 6HT C 4 9.59 -1.34 9.68
C4 6HT C 4 8.44 -0.65 9.10
O4 6HT C 4 8.49 -0.16 8.00
C5 6HT C 4 7.20 -0.56 9.87
C5M 6HT C 4 5.97 0.16 9.26
C6 6HT C 4 7.15 -1.17 11.22
MG MG D . 23.73 -22.06 4.00
MG MG E . -11.69 -22.45 11.41
MG MG F . -12.34 -13.29 16.11
MG MG G . 3.72 -21.11 14.06
MG MG H . 12.98 -17.92 25.97
NA NA I . -4.46 -10.17 12.36
C1 GOL J . 2.98 -3.43 -3.58
O1 GOL J . 4.20 -2.92 -3.09
C2 GOL J . 2.00 -3.55 -2.45
O2 GOL J . 0.82 -4.16 -2.94
C3 GOL J . 2.58 -4.37 -1.31
O3 GOL J . 1.62 -4.42 -0.28
O01 6BX K . 22.00 -1.75 -4.00
S02 6BX K . 21.32 -0.63 -3.33
C03 6BX K . 20.53 -1.32 -1.86
C04 6BX K . 19.38 -2.27 -2.21
O05 6BX K . 19.78 -3.37 -2.98
C06 6BX K . 18.69 -2.70 -0.92
N07 6BX K . 17.44 -3.38 -1.19
C08 6BX K . 17.05 -4.27 -0.12
C09 6BX K . 15.81 -5.04 -0.53
O10 6BX K . 14.75 -4.17 -0.85
C11 6BX K . 15.12 -3.27 -1.87
C12 6BX K . 16.35 -2.47 -1.49
O13 6BX K . 22.27 0.36 -2.78
O14 6BX K . 20.24 -0.03 -4.14
C1 GOL L . 11.20 12.36 17.20
O1 GOL L . 9.80 12.39 17.30
C2 GOL L . 11.59 11.32 16.17
O2 GOL L . 10.94 11.62 14.96
C3 GOL L . 13.10 11.32 15.99
O3 GOL L . 13.40 10.38 15.00
#